data_7RTO
#
_entry.id   7RTO
#
_cell.length_a   1.00
_cell.length_b   1.00
_cell.length_c   1.00
_cell.angle_alpha   90.00
_cell.angle_beta   90.00
_cell.angle_gamma   90.00
#
_symmetry.space_group_name_H-M   'P 1'
#
_entity_poly.entity_id   1
_entity_poly.type   'polypeptide(L)'
_entity_poly.pdbx_seq_one_letter_code
;MGKVIRSLNRFGKKVGNALTSNTAKKIYSTIGKAAERFAESEIGSAAIDGLVQGSVHSIITGESYGESVKQAVLLNVLGS
GEEIPDPLSPGERGIQAKLKELEDEQRNELVRLKYNDKIKEKFGKELEEVYNFMNGEANAEIEDEKQFDILNKAVTSYNK
ILTEEDLQMRRLATALQKEIGERTHAETVMVKEYRDKIDALKNAIEVERDGMQEEAIQEIAGMTADVLEAASEEVPLIGA
GMATAVATGRAIEGAYKLKKVINALSGIDLTHLRTPKIEPSVVSTILEYRAKEIPDNALAVSVLSKNRAIQENHKELMHI
KNEILPRFKKAMDEEKEICGIEDKVIHPKVMMKFKIPRAQQPQIHVYSAPWDSDDVFFFHCISHHHANESFFLGFDLSID
LVHYEDLTAHWHALGAAQTAAGRTLTEAYREFLNLAISNAFGTQMHTRRLVRSKTVHPIYLGSLHYDISFSDLRGNAQRI
VYDDELQMHILRGPIHFQRRAILGALKFGCKVLGDRLDVPLFLRNA
;
_entity_poly.pdbx_strand_id   A,B,C
#
# COMPACT_ATOMS: atom_id res chain seq x y z
N THR A 61 -30.19 -15.39 10.85
CA THR A 61 -29.33 -15.20 12.01
C THR A 61 -29.57 -13.83 12.65
N GLY A 62 -30.04 -12.87 11.86
CA GLY A 62 -30.38 -11.57 12.40
C GLY A 62 -31.85 -11.23 12.36
N GLU A 63 -32.25 -10.40 11.38
CA GLU A 63 -33.66 -10.03 11.21
C GLU A 63 -34.24 -10.46 9.88
N SER A 64 -33.61 -10.09 8.76
CA SER A 64 -34.16 -10.35 7.44
C SER A 64 -33.10 -10.91 6.50
N TYR A 65 -33.59 -11.61 5.47
CA TYR A 65 -32.74 -12.14 4.42
C TYR A 65 -32.52 -11.16 3.27
N GLY A 66 -33.46 -10.23 3.04
CA GLY A 66 -33.21 -9.18 2.07
C GLY A 66 -32.08 -8.24 2.47
N GLU A 67 -32.04 -7.86 3.75
CA GLU A 67 -30.91 -7.05 4.20
C GLU A 67 -29.59 -7.79 4.04
N SER A 68 -29.55 -9.08 4.38
CA SER A 68 -28.31 -9.84 4.21
C SER A 68 -27.90 -10.00 2.76
N VAL A 69 -28.85 -10.20 1.84
CA VAL A 69 -28.48 -10.28 0.42
C VAL A 69 -27.93 -8.94 -0.07
N LYS A 70 -28.59 -7.84 0.30
CA LYS A 70 -28.07 -6.51 -0.07
C LYS A 70 -26.67 -6.28 0.49
N GLN A 71 -26.45 -6.66 1.75
CA GLN A 71 -25.14 -6.47 2.37
C GLN A 71 -24.08 -7.33 1.70
N ALA A 72 -24.44 -8.56 1.33
CA ALA A 72 -23.49 -9.41 0.62
C ALA A 72 -23.13 -8.85 -0.74
N VAL A 73 -24.11 -8.29 -1.45
CA VAL A 73 -23.82 -7.65 -2.74
C VAL A 73 -22.89 -6.47 -2.54
N LEU A 74 -23.14 -5.65 -1.52
CA LEU A 74 -22.27 -4.51 -1.26
C LEU A 74 -20.85 -4.97 -0.91
N LEU A 75 -20.72 -6.00 -0.07
CA LEU A 75 -19.41 -6.49 0.32
C LEU A 75 -18.67 -7.11 -0.87
N ASN A 76 -19.40 -7.71 -1.82
CA ASN A 76 -18.74 -8.21 -3.01
C ASN A 76 -18.28 -7.08 -3.91
N VAL A 77 -19.06 -5.99 -3.97
CA VAL A 77 -18.63 -4.82 -4.73
C VAL A 77 -17.35 -4.24 -4.13
N LEU A 78 -17.33 -4.10 -2.80
CA LEU A 78 -16.17 -3.58 -2.10
C LEU A 78 -15.08 -4.63 -1.86
N GLY A 79 -15.33 -5.90 -2.19
CA GLY A 79 -14.35 -6.94 -1.95
C GLY A 79 -13.08 -6.75 -2.78
N SER A 80 -13.22 -6.26 -4.01
CA SER A 80 -12.06 -6.08 -4.87
C SER A 80 -11.15 -4.98 -4.34
N GLY A 81 -9.85 -5.24 -4.37
CA GLY A 81 -8.85 -4.27 -3.96
C GLY A 81 -8.38 -3.32 -5.03
N GLU A 82 -8.99 -3.35 -6.21
CA GLU A 82 -8.58 -2.50 -7.32
C GLU A 82 -9.61 -1.43 -7.64
N GLU A 83 -10.71 -1.38 -6.90
CA GLU A 83 -11.83 -0.51 -7.20
C GLU A 83 -12.28 0.23 -5.95
N ILE A 84 -12.80 1.44 -6.17
CA ILE A 84 -13.41 2.29 -5.14
C ILE A 84 -12.37 2.58 -4.06
N PRO A 85 -11.39 3.44 -4.34
CA PRO A 85 -10.39 3.78 -3.32
C PRO A 85 -11.00 4.61 -2.21
N ASP A 86 -10.24 4.75 -1.13
CA ASP A 86 -10.66 5.63 -0.03
C ASP A 86 -10.56 7.07 -0.48
N PRO A 87 -11.66 7.83 -0.51
CA PRO A 87 -11.64 9.16 -1.11
C PRO A 87 -10.76 10.17 -0.38
N LEU A 88 -10.44 9.94 0.89
CA LEU A 88 -9.72 10.93 1.68
C LEU A 88 -8.21 10.73 1.71
N SER A 89 -7.72 9.50 1.54
CA SER A 89 -6.29 9.24 1.64
C SER A 89 -5.73 9.04 0.25
N PRO A 90 -4.94 9.97 -0.29
CA PRO A 90 -4.37 9.75 -1.63
C PRO A 90 -3.45 8.56 -1.72
N GLY A 91 -2.85 8.12 -0.62
CA GLY A 91 -2.00 6.94 -0.68
C GLY A 91 -2.76 5.71 -1.11
N GLU A 92 -3.98 5.53 -0.60
CA GLU A 92 -4.83 4.42 -1.03
C GLU A 92 -5.13 4.50 -2.52
N ARG A 93 -5.42 5.70 -3.02
CA ARG A 93 -5.71 5.86 -4.45
C ARG A 93 -4.49 5.53 -5.28
N GLY A 94 -3.31 5.96 -4.85
CA GLY A 94 -2.10 5.61 -5.56
C GLY A 94 -1.84 4.12 -5.58
N ILE A 95 -2.01 3.46 -4.42
CA ILE A 95 -1.79 2.02 -4.35
C ILE A 95 -2.75 1.29 -5.27
N GLN A 96 -4.03 1.65 -5.24
CA GLN A 96 -4.99 0.96 -6.07
C GLN A 96 -4.69 1.17 -7.56
N ALA A 97 -4.34 2.40 -7.94
CA ALA A 97 -4.00 2.65 -9.34
C ALA A 97 -2.78 1.85 -9.77
N LYS A 98 -1.75 1.79 -8.92
CA LYS A 98 -0.54 1.06 -9.28
C LYS A 98 -0.79 -0.45 -9.36
N LEU A 99 -1.60 -0.99 -8.46
CA LEU A 99 -1.99 -2.40 -8.58
C LEU A 99 -2.73 -2.65 -9.89
N LYS A 100 -3.67 -1.78 -10.24
CA LYS A 100 -4.42 -1.97 -11.48
C LYS A 100 -3.47 -1.93 -12.68
N GLU A 101 -2.55 -0.97 -12.69
CA GLU A 101 -1.58 -0.89 -13.79
C GLU A 101 -0.72 -2.13 -13.86
N LEU A 102 -0.24 -2.63 -12.71
CA LEU A 102 0.57 -3.84 -12.70
C LEU A 102 -0.21 -5.03 -13.23
N GLU A 103 -1.49 -5.12 -12.85
CA GLU A 103 -2.33 -6.23 -13.30
C GLU A 103 -2.51 -6.18 -14.80
N ASP A 104 -2.79 -5.01 -15.35
CA ASP A 104 -2.96 -4.89 -16.79
C ASP A 104 -1.66 -5.21 -17.52
N GLU A 105 -0.53 -4.73 -16.99
CA GLU A 105 0.76 -5.07 -17.60
C GLU A 105 0.99 -6.58 -17.59
N GLN A 106 0.64 -7.25 -16.49
CA GLN A 106 0.84 -8.69 -16.43
C GLN A 106 -0.08 -9.42 -17.40
N ARG A 107 -1.31 -8.91 -17.56
CA ARG A 107 -2.22 -9.46 -18.56
C ARG A 107 -1.63 -9.36 -19.95
N ASN A 108 -1.16 -8.16 -20.32
CA ASN A 108 -0.59 -7.95 -21.65
C ASN A 108 0.64 -8.82 -21.86
N GLU A 109 1.48 -8.95 -20.83
CA GLU A 109 2.68 -9.75 -20.98
C GLU A 109 2.36 -11.24 -21.07
N LEU A 110 1.32 -11.71 -20.37
CA LEU A 110 0.89 -13.10 -20.54
C LEU A 110 0.37 -13.35 -21.95
N VAL A 111 -0.35 -12.38 -22.52
CA VAL A 111 -0.80 -12.48 -23.91
C VAL A 111 0.41 -12.58 -24.83
N ARG A 112 1.40 -11.72 -24.59
CA ARG A 112 2.60 -11.68 -25.43
C ARG A 112 3.40 -12.98 -25.31
N LEU A 113 3.48 -13.53 -24.09
CA LEU A 113 4.13 -14.82 -23.90
C LEU A 113 3.42 -15.92 -24.68
N LYS A 114 2.08 -15.94 -24.63
CA LYS A 114 1.34 -16.94 -25.41
C LYS A 114 1.66 -16.79 -26.90
N TYR A 115 1.62 -15.55 -27.39
CA TYR A 115 1.92 -15.26 -28.79
C TYR A 115 3.31 -15.78 -29.16
N ASN A 116 4.32 -15.38 -28.40
CA ASN A 116 5.69 -15.70 -28.73
C ASN A 116 5.95 -17.20 -28.62
N ASP A 117 5.40 -17.86 -27.59
CA ASP A 117 5.63 -19.30 -27.45
C ASP A 117 4.97 -20.06 -28.59
N LYS A 118 3.77 -19.67 -29.02
CA LYS A 118 3.17 -20.37 -30.15
C LYS A 118 3.96 -20.15 -31.44
N ILE A 119 4.45 -18.92 -31.65
CA ILE A 119 5.29 -18.65 -32.82
C ILE A 119 6.56 -19.47 -32.78
N LYS A 120 7.22 -19.53 -31.62
CA LYS A 120 8.44 -20.30 -31.47
C LYS A 120 8.19 -21.79 -31.64
N GLU A 121 7.06 -22.29 -31.14
CA GLU A 121 6.72 -23.69 -31.34
C GLU A 121 6.56 -24.02 -32.82
N LYS A 122 5.85 -23.16 -33.57
CA LYS A 122 5.69 -23.41 -35.00
C LYS A 122 7.04 -23.34 -35.73
N PHE A 123 7.86 -22.36 -35.37
CA PHE A 123 9.17 -22.22 -35.98
C PHE A 123 10.06 -23.43 -35.70
N GLY A 124 10.08 -23.88 -34.44
CA GLY A 124 10.86 -25.07 -34.10
C GLY A 124 10.37 -26.32 -34.80
N LYS A 125 9.05 -26.47 -34.94
CA LYS A 125 8.52 -27.63 -35.64
C LYS A 125 8.93 -27.61 -37.11
N GLU A 126 8.84 -26.44 -37.75
CA GLU A 126 9.24 -26.34 -39.15
C GLU A 126 10.74 -26.58 -39.32
N LEU A 127 11.55 -26.03 -38.41
CA LEU A 127 12.99 -26.24 -38.48
C LEU A 127 13.35 -27.71 -38.29
N GLU A 128 12.70 -28.38 -37.32
CA GLU A 128 12.97 -29.80 -37.09
C GLU A 128 12.55 -30.64 -38.29
N GLU A 129 11.40 -30.33 -38.90
CA GLU A 129 10.98 -31.08 -40.07
C GLU A 129 11.94 -30.90 -41.23
N VAL A 130 12.40 -29.66 -41.46
CA VAL A 130 13.37 -29.40 -42.52
C VAL A 130 14.68 -30.12 -42.24
N TYR A 131 15.14 -30.09 -40.99
CA TYR A 131 16.38 -30.78 -40.63
C TYR A 131 16.26 -32.29 -40.82
N ASN A 132 15.12 -32.87 -40.46
CA ASN A 132 14.92 -34.29 -40.67
C ASN A 132 14.90 -34.63 -42.15
N PHE A 133 14.23 -33.81 -42.95
CA PHE A 133 14.16 -34.07 -44.39
C PHE A 133 15.55 -33.97 -45.02
N MET A 134 16.35 -32.99 -44.59
CA MET A 134 17.70 -32.79 -45.11
C MET A 134 18.65 -33.92 -44.73
N ASN A 135 18.28 -34.78 -43.80
CA ASN A 135 19.13 -35.91 -43.44
C ASN A 135 18.59 -37.21 -44.01
N ILE A 320 12.94 -31.86 -51.55
CA ILE A 320 12.94 -30.67 -52.39
C ILE A 320 12.13 -29.55 -51.74
N LYS A 321 11.61 -28.63 -52.55
CA LYS A 321 10.85 -27.52 -52.02
C LYS A 321 9.48 -27.94 -51.50
N ASN A 322 9.00 -29.13 -51.88
CA ASN A 322 7.67 -29.56 -51.44
C ASN A 322 7.63 -29.70 -49.92
N GLU A 323 8.69 -30.25 -49.33
CA GLU A 323 8.71 -30.44 -47.89
C GLU A 323 8.96 -29.10 -47.21
N ILE A 324 9.83 -28.28 -47.83
CA ILE A 324 10.19 -26.97 -47.30
C ILE A 324 9.05 -25.96 -47.42
N LEU A 325 7.95 -26.32 -48.09
CA LEU A 325 6.84 -25.37 -48.20
C LEU A 325 6.22 -25.08 -46.85
N PRO A 326 5.91 -26.06 -46.00
CA PRO A 326 5.33 -25.74 -44.69
C PRO A 326 6.26 -24.88 -43.85
N ARG A 327 7.56 -25.11 -43.97
CA ARG A 327 8.55 -24.31 -43.24
C ARG A 327 8.52 -22.86 -43.71
N PHE A 328 8.42 -22.65 -45.03
CA PHE A 328 8.31 -21.28 -45.54
C PHE A 328 7.02 -20.62 -45.08
N LYS A 329 5.91 -21.37 -45.04
CA LYS A 329 4.66 -20.82 -44.53
C LYS A 329 4.79 -20.43 -43.07
N LYS A 330 5.45 -21.28 -42.28
CA LYS A 330 5.67 -20.98 -40.86
C LYS A 330 6.55 -19.73 -40.71
N ALA A 331 7.59 -19.61 -41.53
CA ALA A 331 8.44 -18.42 -41.49
C ALA A 331 7.65 -17.17 -41.82
N MET A 332 6.79 -17.24 -42.85
CA MET A 332 5.99 -16.08 -43.23
C MET A 332 5.04 -15.69 -42.11
N ASP A 333 4.39 -16.69 -41.50
CA ASP A 333 3.47 -16.43 -40.40
C ASP A 333 4.20 -15.83 -39.20
N GLU A 334 5.37 -16.37 -38.88
CA GLU A 334 6.16 -15.84 -37.77
C GLU A 334 6.58 -14.40 -38.01
N GLU A 335 7.03 -14.09 -39.23
CA GLU A 335 7.41 -12.70 -39.53
C GLU A 335 6.21 -11.77 -39.43
N LYS A 336 5.06 -12.20 -39.97
CA LYS A 336 3.85 -11.37 -39.93
C LYS A 336 3.41 -11.13 -38.49
N GLU A 337 3.45 -12.17 -37.66
CA GLU A 337 2.99 -12.05 -36.28
C GLU A 337 3.98 -11.27 -35.42
N ILE A 338 5.28 -11.38 -35.71
CA ILE A 338 6.27 -10.61 -34.97
C ILE A 338 6.16 -9.14 -35.31
N CYS A 339 5.94 -8.81 -36.59
CA CYS A 339 5.80 -7.39 -36.94
C CYS A 339 4.49 -6.80 -36.43
N GLY A 340 3.55 -7.63 -35.99
CA GLY A 340 2.30 -7.15 -35.42
C GLY A 340 2.33 -7.11 -33.91
N ILE A 341 3.25 -6.35 -33.33
CA ILE A 341 3.40 -6.24 -31.89
C ILE A 341 2.66 -5.02 -31.34
N GLU A 342 1.67 -4.49 -32.05
CA GLU A 342 1.00 -3.25 -31.69
C GLU A 342 -0.36 -3.53 -31.09
N ASP A 343 -0.62 -2.95 -29.91
CA ASP A 343 -1.95 -2.84 -29.33
C ASP A 343 -2.12 -1.37 -28.93
N LYS A 344 -2.47 -0.55 -29.92
CA LYS A 344 -2.58 0.90 -29.73
C LYS A 344 -3.76 1.50 -30.49
N VAL A 345 -4.65 0.68 -31.04
CA VAL A 345 -5.81 1.16 -31.79
C VAL A 345 -6.78 1.93 -30.90
N ILE A 346 -7.70 2.64 -31.54
CA ILE A 346 -8.71 3.46 -30.88
C ILE A 346 -9.82 2.61 -30.25
N HIS A 347 -9.72 1.29 -30.38
CA HIS A 347 -10.65 0.45 -29.66
C HIS A 347 -10.35 0.53 -28.17
N PRO A 348 -9.10 0.78 -27.79
CA PRO A 348 -8.80 1.00 -26.36
C PRO A 348 -9.50 2.23 -25.80
N LYS A 349 -9.85 3.20 -26.66
CA LYS A 349 -10.59 4.37 -26.19
C LYS A 349 -11.94 3.96 -25.65
N VAL A 350 -12.65 3.05 -26.34
CA VAL A 350 -13.90 2.60 -25.76
C VAL A 350 -13.66 1.39 -24.86
N MET A 351 -12.45 0.82 -24.89
CA MET A 351 -12.15 -0.31 -24.01
C MET A 351 -11.87 0.16 -22.60
N MET A 352 -11.69 1.46 -22.41
CA MET A 352 -11.42 2.02 -21.09
C MET A 352 -12.41 3.09 -20.67
N LYS A 353 -12.78 4.00 -21.58
CA LYS A 353 -13.73 5.06 -21.25
C LYS A 353 -15.16 4.70 -21.64
N PHE A 354 -15.40 4.46 -22.94
CA PHE A 354 -16.64 3.89 -23.45
C PHE A 354 -17.85 4.79 -23.28
N LYS A 355 -17.70 5.90 -22.56
CA LYS A 355 -18.77 6.88 -22.45
C LYS A 355 -18.41 8.27 -22.93
N ILE A 356 -17.32 8.87 -22.45
CA ILE A 356 -17.01 10.27 -22.77
C ILE A 356 -15.52 10.55 -22.91
N PRO A 357 -15.13 11.43 -23.87
CA PRO A 357 -13.71 11.74 -24.06
C PRO A 357 -13.17 12.70 -23.00
N ARG A 358 -11.95 13.19 -23.20
CA ARG A 358 -11.38 14.21 -22.33
C ARG A 358 -12.08 15.55 -22.46
N ALA A 359 -11.99 16.36 -21.39
CA ALA A 359 -12.54 17.72 -21.31
C ALA A 359 -14.04 17.81 -21.57
N GLN A 360 -14.79 16.76 -21.20
CA GLN A 360 -16.26 16.69 -21.37
C GLN A 360 -16.81 15.73 -20.31
N GLN A 361 -16.19 15.81 -19.13
CA GLN A 361 -16.38 15.01 -17.93
C GLN A 361 -16.29 15.85 -16.68
N PRO A 362 -17.16 15.55 -15.71
CA PRO A 362 -17.11 16.25 -14.43
C PRO A 362 -15.92 15.81 -13.58
N GLN A 363 -15.46 16.73 -12.74
CA GLN A 363 -14.41 16.46 -11.78
C GLN A 363 -14.93 16.71 -10.37
N ILE A 364 -14.58 15.81 -9.47
CA ILE A 364 -15.02 15.84 -8.08
C ILE A 364 -13.81 16.21 -7.23
N HIS A 365 -13.82 17.43 -6.68
CA HIS A 365 -12.81 17.80 -5.71
C HIS A 365 -13.24 17.31 -4.33
N VAL A 366 -12.27 16.92 -3.52
CA VAL A 366 -12.53 16.43 -2.16
C VAL A 366 -11.88 17.37 -1.17
N TYR A 367 -12.67 17.85 -0.21
CA TYR A 367 -12.13 18.62 0.91
C TYR A 367 -12.57 18.02 2.23
N SER A 368 -11.82 18.34 3.28
CA SER A 368 -12.16 17.97 4.64
C SER A 368 -11.83 19.14 5.56
N ALA A 369 -12.57 19.26 6.66
CA ALA A 369 -12.30 20.32 7.60
C ALA A 369 -10.94 20.09 8.27
N PRO A 370 -10.24 21.16 8.64
CA PRO A 370 -8.84 21.00 9.06
C PRO A 370 -8.62 20.16 10.31
N TRP A 371 -9.56 20.13 11.24
CA TRP A 371 -9.27 19.61 12.58
C TRP A 371 -9.84 18.21 12.82
N ASP A 372 -11.15 18.03 12.69
CA ASP A 372 -11.72 16.70 12.79
C ASP A 372 -11.99 16.12 11.40
N SER A 373 -10.88 15.91 10.68
CA SER A 373 -10.95 15.68 9.24
C SER A 373 -11.52 14.32 8.89
N ASP A 374 -11.22 13.29 9.69
CA ASP A 374 -11.61 11.93 9.36
C ASP A 374 -13.11 11.69 9.44
N ASP A 375 -13.88 12.64 9.98
CA ASP A 375 -15.32 12.47 10.11
C ASP A 375 -16.09 13.37 9.16
N VAL A 376 -15.78 14.66 9.12
CA VAL A 376 -16.51 15.64 8.31
C VAL A 376 -15.73 15.89 7.04
N PHE A 377 -16.43 15.88 5.91
CA PHE A 377 -15.76 16.03 4.61
C PHE A 377 -16.81 16.24 3.54
N PHE A 378 -16.42 16.91 2.45
CA PHE A 378 -17.39 17.17 1.41
C PHE A 378 -16.77 17.03 0.02
N PHE A 379 -17.65 16.79 -0.94
CA PHE A 379 -17.33 16.68 -2.34
C PHE A 379 -17.89 17.90 -3.04
N HIS A 380 -17.06 18.55 -3.84
CA HIS A 380 -17.48 19.66 -4.69
C HIS A 380 -17.41 19.10 -6.10
N CYS A 381 -18.57 18.76 -6.66
CA CYS A 381 -18.61 18.15 -7.97
C CYS A 381 -18.94 19.21 -9.01
N ILE A 382 -18.00 19.48 -9.91
CA ILE A 382 -18.17 20.50 -10.93
C ILE A 382 -18.08 19.82 -12.29
N SER A 383 -19.08 20.06 -13.14
CA SER A 383 -19.20 19.35 -14.39
C SER A 383 -18.56 20.14 -15.52
N HIS A 384 -18.65 19.60 -16.74
CA HIS A 384 -18.13 20.30 -17.90
C HIS A 384 -19.23 20.41 -18.94
N HIS A 385 -18.94 21.21 -19.96
CA HIS A 385 -19.80 21.53 -21.09
C HIS A 385 -21.14 22.08 -20.64
N HIS A 386 -21.27 22.42 -19.36
CA HIS A 386 -22.26 23.36 -18.83
C HIS A 386 -21.47 24.37 -18.00
N ALA A 387 -21.31 25.57 -18.52
CA ALA A 387 -20.54 26.57 -17.79
C ALA A 387 -21.26 27.15 -16.57
N ASN A 388 -22.40 26.63 -16.10
CA ASN A 388 -23.02 27.16 -14.89
C ASN A 388 -23.57 26.12 -13.91
N GLU A 389 -23.27 24.83 -14.06
CA GLU A 389 -23.77 23.84 -13.12
C GLU A 389 -22.66 23.13 -12.34
N SER A 390 -22.95 22.89 -11.06
CA SER A 390 -22.09 22.21 -10.11
C SER A 390 -22.90 21.97 -8.84
N PHE A 391 -22.39 21.11 -7.96
CA PHE A 391 -23.10 20.88 -6.71
C PHE A 391 -22.14 20.51 -5.57
N PHE A 392 -22.71 20.48 -4.37
CA PHE A 392 -22.05 20.33 -3.09
C PHE A 392 -22.69 19.16 -2.37
N LEU A 393 -21.87 18.25 -1.85
CA LEU A 393 -22.38 17.14 -1.05
C LEU A 393 -21.47 16.91 0.15
N GLY A 394 -21.99 17.15 1.34
CA GLY A 394 -21.18 17.09 2.56
C GLY A 394 -21.66 16.01 3.50
N PHE A 395 -20.72 15.45 4.26
CA PHE A 395 -20.96 14.35 5.18
C PHE A 395 -20.37 14.66 6.55
N ASP A 396 -21.11 14.29 7.59
CA ASP A 396 -20.66 14.31 8.98
C ASP A 396 -21.06 12.96 9.58
N LEU A 397 -20.14 12.01 9.56
CA LEU A 397 -20.44 10.63 9.92
C LEU A 397 -20.34 10.38 11.42
N SER A 398 -19.92 11.38 12.21
CA SER A 398 -19.96 11.24 13.65
C SER A 398 -21.38 11.31 14.17
N ILE A 399 -22.15 12.28 13.68
CA ILE A 399 -23.56 12.44 14.01
C ILE A 399 -24.45 11.98 12.85
N ASP A 400 -23.86 11.42 11.79
CA ASP A 400 -24.60 10.77 10.71
C ASP A 400 -25.58 11.75 10.07
N LEU A 401 -25.01 12.75 9.39
CA LEU A 401 -25.78 13.67 8.59
C LEU A 401 -25.18 13.82 7.20
N VAL A 402 -26.06 13.91 6.21
CA VAL A 402 -25.71 14.12 4.81
C VAL A 402 -26.43 15.37 4.33
N HIS A 403 -25.70 16.23 3.62
CA HIS A 403 -26.30 17.45 3.08
C HIS A 403 -25.97 17.54 1.60
N TYR A 404 -26.91 18.08 0.82
CA TYR A 404 -26.72 18.30 -0.60
C TYR A 404 -27.21 19.69 -0.96
N GLU A 405 -26.54 20.33 -1.92
CA GLU A 405 -26.97 21.67 -2.30
C GLU A 405 -26.37 22.01 -3.66
N ASP A 406 -27.24 22.42 -4.59
CA ASP A 406 -26.81 22.81 -5.96
C ASP A 406 -26.18 24.20 -5.92
N LEU A 407 -25.19 24.45 -6.78
CA LEU A 407 -24.49 25.72 -6.85
C LEU A 407 -24.61 26.31 -8.25
N THR A 408 -25.78 26.16 -8.85
CA THR A 408 -25.97 26.53 -10.24
C THR A 408 -26.26 28.02 -10.34
N ALA A 409 -25.60 28.67 -11.30
CA ALA A 409 -25.64 30.13 -11.45
C ALA A 409 -26.47 30.51 -12.67
N HIS A 410 -27.72 30.90 -12.43
CA HIS A 410 -28.59 31.39 -13.49
C HIS A 410 -28.45 32.90 -13.67
N TRP A 411 -28.65 33.35 -14.89
CA TRP A 411 -28.64 34.78 -15.17
C TRP A 411 -29.78 35.45 -14.43
N HIS A 412 -29.47 36.55 -13.74
CA HIS A 412 -30.43 37.23 -12.90
C HIS A 412 -30.34 38.72 -13.16
N ALA A 413 -31.47 39.41 -13.05
CA ALA A 413 -31.55 40.84 -13.25
C ALA A 413 -31.87 41.49 -11.91
N LEU A 414 -31.04 42.42 -11.48
CA LEU A 414 -31.27 43.20 -10.26
C LEU A 414 -31.17 44.66 -10.63
N GLY A 415 -32.20 45.43 -10.30
CA GLY A 415 -32.25 46.79 -10.79
C GLY A 415 -32.22 46.81 -12.30
N ALA A 416 -31.53 47.80 -12.86
CA ALA A 416 -31.25 47.83 -14.29
C ALA A 416 -29.91 47.18 -14.63
N ALA A 417 -29.44 46.24 -13.82
CA ALA A 417 -28.16 45.58 -14.08
C ALA A 417 -28.34 44.07 -13.99
N GLN A 418 -27.29 43.34 -14.36
CA GLN A 418 -27.35 41.88 -14.43
C GLN A 418 -26.23 41.27 -13.59
N THR A 419 -26.50 40.05 -13.11
CA THR A 419 -25.52 39.27 -12.37
C THR A 419 -25.74 37.80 -12.68
N ALA A 420 -24.74 36.98 -12.34
CA ALA A 420 -24.85 35.53 -12.49
C ALA A 420 -25.14 35.00 -11.09
N ALA A 421 -26.42 34.91 -10.75
CA ALA A 421 -26.82 34.56 -9.39
C ALA A 421 -26.78 33.07 -9.17
N GLY A 422 -25.99 32.63 -8.21
CA GLY A 422 -25.97 31.25 -7.77
C GLY A 422 -25.66 31.23 -6.30
N ARG A 423 -25.06 30.15 -5.83
CA ARG A 423 -24.54 30.07 -4.47
C ARG A 423 -23.03 30.05 -4.49
N THR A 424 -22.43 30.77 -3.54
CA THR A 424 -20.99 30.72 -3.34
C THR A 424 -20.66 29.46 -2.56
N LEU A 425 -19.64 28.71 -3.02
CA LEU A 425 -19.21 27.51 -2.31
C LEU A 425 -18.83 27.79 -0.86
N THR A 426 -18.26 28.97 -0.60
CA THR A 426 -17.92 29.33 0.77
C THR A 426 -19.18 29.50 1.62
N GLU A 427 -20.22 30.12 1.05
CA GLU A 427 -21.50 30.24 1.74
C GLU A 427 -22.09 28.86 2.01
N ALA A 428 -21.98 27.95 1.04
CA ALA A 428 -22.48 26.59 1.21
C ALA A 428 -21.76 25.89 2.36
N TYR A 429 -20.43 26.01 2.39
CA TYR A 429 -19.63 25.41 3.45
C TYR A 429 -20.03 25.96 4.81
N ARG A 430 -20.19 27.27 4.91
CA ARG A 430 -20.49 27.86 6.21
C ARG A 430 -21.89 27.46 6.68
N GLU A 431 -22.85 27.37 5.76
CA GLU A 431 -24.18 26.88 6.16
C GLU A 431 -24.13 25.42 6.59
N PHE A 432 -23.35 24.58 5.91
CA PHE A 432 -23.20 23.20 6.35
C PHE A 432 -22.59 23.11 7.73
N LEU A 433 -21.55 23.90 7.99
CA LEU A 433 -20.92 23.88 9.31
C LEU A 433 -21.88 24.40 10.38
N ASN A 434 -22.66 25.44 10.06
CA ASN A 434 -23.65 25.94 11.01
C ASN A 434 -24.71 24.89 11.31
N LEU A 435 -25.10 24.12 10.29
CA LEU A 435 -26.02 23.02 10.52
C LEU A 435 -25.40 21.97 11.46
N ALA A 436 -24.11 21.69 11.27
CA ALA A 436 -23.47 20.66 12.10
C ALA A 436 -23.28 21.14 13.53
N ILE A 437 -23.05 22.44 13.73
CA ILE A 437 -22.74 22.96 15.06
C ILE A 437 -23.97 22.90 15.97
N SER A 438 -25.16 23.14 15.42
CA SER A 438 -26.38 23.28 16.21
C SER A 438 -27.14 21.98 16.30
N ASN A 439 -26.42 20.86 16.35
CA ASN A 439 -27.00 19.53 16.48
C ASN A 439 -26.98 19.13 17.95
N ALA A 440 -28.13 18.68 18.46
CA ALA A 440 -28.29 18.40 19.88
C ALA A 440 -27.33 17.32 20.35
N PHE A 441 -26.96 16.39 19.47
CA PHE A 441 -26.05 15.31 19.83
C PHE A 441 -24.61 15.80 19.85
N GLY A 442 -24.32 16.85 20.61
CA GLY A 442 -23.00 17.46 20.62
C GLY A 442 -22.13 16.94 21.76
N THR A 443 -20.82 16.89 21.50
CA THR A 443 -19.86 16.45 22.49
C THR A 443 -19.29 17.62 23.29
N GLN A 444 -19.65 18.86 22.92
CA GLN A 444 -19.28 20.10 23.61
C GLN A 444 -17.78 20.38 23.47
N MET A 445 -17.04 19.43 22.88
CA MET A 445 -15.69 19.68 22.40
C MET A 445 -15.56 19.45 20.90
N HIS A 446 -16.46 18.67 20.30
CA HIS A 446 -16.57 18.59 18.85
C HIS A 446 -17.03 19.92 18.26
N THR A 447 -17.97 20.59 18.92
CA THR A 447 -18.48 21.86 18.43
C THR A 447 -17.40 22.94 18.43
N ARG A 448 -16.53 22.96 19.44
CA ARG A 448 -15.43 23.92 19.39
C ARG A 448 -14.47 23.66 18.24
N ARG A 449 -14.51 22.47 17.65
CA ARG A 449 -13.67 22.24 16.48
C ARG A 449 -14.41 22.60 15.21
N LEU A 450 -15.72 22.37 15.14
CA LEU A 450 -16.42 22.81 13.94
C LEU A 450 -16.37 24.34 13.88
N VAL A 451 -16.58 24.99 15.03
CA VAL A 451 -16.56 26.44 15.11
C VAL A 451 -15.18 26.97 14.73
N ARG A 452 -14.11 26.30 15.18
CA ARG A 452 -12.78 26.72 14.72
C ARG A 452 -12.63 26.50 13.21
N SER A 453 -13.16 25.40 12.68
CA SER A 453 -13.09 25.10 11.26
C SER A 453 -13.80 26.14 10.40
N LYS A 454 -14.78 26.87 10.96
CA LYS A 454 -15.53 27.82 10.16
C LYS A 454 -14.63 28.93 9.60
N THR A 455 -13.69 29.44 10.40
CA THR A 455 -12.97 30.65 10.08
C THR A 455 -11.61 30.37 9.44
N VAL A 456 -11.45 29.19 8.84
CA VAL A 456 -10.27 28.85 8.07
C VAL A 456 -10.71 28.10 6.81
N HIS A 457 -10.00 28.34 5.71
CA HIS A 457 -10.33 27.68 4.47
C HIS A 457 -10.11 26.17 4.64
N PRO A 458 -10.93 25.33 4.02
CA PRO A 458 -10.73 23.88 4.15
C PRO A 458 -9.52 23.43 3.37
N ILE A 459 -9.09 22.20 3.66
CA ILE A 459 -7.87 21.65 3.10
C ILE A 459 -8.24 20.86 1.85
N TYR A 460 -7.49 21.10 0.78
CA TYR A 460 -7.75 20.44 -0.50
C TYR A 460 -7.02 19.10 -0.51
N LEU A 461 -7.78 18.02 -0.47
CA LEU A 461 -7.20 16.68 -0.38
C LEU A 461 -6.99 16.05 -1.75
N GLY A 462 -7.45 16.70 -2.83
CA GLY A 462 -7.29 16.15 -4.15
C GLY A 462 -8.50 16.26 -5.05
N SER A 463 -8.35 15.80 -6.28
CA SER A 463 -9.38 15.86 -7.29
C SER A 463 -9.38 14.54 -8.05
N LEU A 464 -10.57 14.06 -8.41
CA LEU A 464 -10.70 12.82 -9.16
C LEU A 464 -11.81 12.97 -10.19
N HIS A 465 -11.93 11.96 -11.06
CA HIS A 465 -12.88 12.04 -12.17
C HIS A 465 -13.16 10.63 -12.65
N TYR A 466 -14.44 10.31 -12.77
CA TYR A 466 -14.99 9.07 -13.30
C TYR A 466 -15.97 9.35 -14.43
N ASP A 467 -16.01 8.43 -15.40
CA ASP A 467 -16.81 8.59 -16.62
C ASP A 467 -18.29 8.25 -16.39
N ILE A 468 -19.02 9.22 -15.85
CA ILE A 468 -20.44 9.09 -15.55
C ILE A 468 -21.12 10.39 -15.96
N SER A 469 -22.35 10.28 -16.46
CA SER A 469 -23.13 11.46 -16.80
C SER A 469 -23.36 12.32 -15.56
N PHE A 470 -23.27 13.64 -15.73
CA PHE A 470 -23.43 14.56 -14.61
C PHE A 470 -24.85 14.48 -14.03
N SER A 471 -25.85 14.33 -14.90
CA SER A 471 -27.22 14.14 -14.43
C SER A 471 -27.33 12.89 -13.56
N ASP A 472 -26.54 11.87 -13.89
CA ASP A 472 -26.50 10.66 -13.06
C ASP A 472 -25.95 10.99 -11.69
N LEU A 473 -24.93 11.86 -11.62
CA LEU A 473 -24.40 12.25 -10.32
C LEU A 473 -25.45 13.01 -9.51
N ARG A 474 -26.23 13.87 -10.17
CA ARG A 474 -27.31 14.56 -9.47
C ARG A 474 -28.34 13.57 -8.93
N GLY A 475 -28.72 12.60 -9.76
CA GLY A 475 -29.69 11.60 -9.33
C GLY A 475 -29.17 10.76 -8.19
N ASN A 476 -27.90 10.38 -8.25
CA ASN A 476 -27.31 9.58 -7.19
C ASN A 476 -27.18 10.37 -5.89
N ALA A 477 -26.88 11.67 -5.96
CA ALA A 477 -26.82 12.45 -4.72
C ALA A 477 -28.19 12.52 -4.06
N GLN A 478 -29.24 12.87 -4.81
CA GLN A 478 -30.56 12.84 -4.19
C GLN A 478 -31.01 11.44 -3.82
N ARG A 479 -30.44 10.40 -4.43
CA ARG A 479 -30.71 9.05 -3.96
C ARG A 479 -30.07 8.81 -2.60
N ILE A 480 -28.82 9.25 -2.42
CA ILE A 480 -28.12 9.10 -1.14
C ILE A 480 -28.85 9.87 -0.04
N VAL A 481 -29.37 11.06 -0.37
CA VAL A 481 -30.04 11.89 0.63
C VAL A 481 -31.40 11.33 1.02
N TYR A 482 -32.21 10.92 0.05
CA TYR A 482 -33.63 10.71 0.28
C TYR A 482 -34.01 9.24 0.43
N ASP A 483 -33.05 8.35 0.65
CA ASP A 483 -33.35 6.94 0.88
C ASP A 483 -33.01 6.56 2.32
N ASP A 484 -33.83 5.68 2.89
CA ASP A 484 -33.72 5.33 4.30
C ASP A 484 -32.84 4.10 4.46
N GLU A 485 -33.20 3.00 3.79
CA GLU A 485 -32.42 1.77 3.89
C GLU A 485 -31.05 1.91 3.23
N LEU A 486 -30.93 2.76 2.20
CA LEU A 486 -29.62 3.03 1.62
C LEU A 486 -28.70 3.69 2.63
N GLN A 487 -29.22 4.65 3.39
CA GLN A 487 -28.44 5.27 4.46
C GLN A 487 -28.14 4.25 5.56
N MET A 488 -29.12 3.40 5.89
CA MET A 488 -28.94 2.42 6.94
C MET A 488 -27.88 1.39 6.58
N HIS A 489 -27.68 1.12 5.29
CA HIS A 489 -26.67 0.16 4.89
C HIS A 489 -25.31 0.78 4.62
N ILE A 490 -25.29 1.98 4.05
CA ILE A 490 -24.03 2.62 3.63
C ILE A 490 -23.39 3.44 4.74
N LEU A 491 -24.20 4.10 5.58
CA LEU A 491 -23.70 5.03 6.58
C LEU A 491 -23.65 4.39 7.95
N ARG A 492 -23.33 3.10 7.99
CA ARG A 492 -23.21 2.39 9.26
C ARG A 492 -22.11 1.35 9.13
N GLY A 493 -21.15 1.38 10.05
CA GLY A 493 -20.00 0.52 9.99
C GLY A 493 -18.70 1.25 10.26
N PRO A 494 -17.56 0.61 10.01
CA PRO A 494 -16.27 1.27 10.19
C PRO A 494 -16.12 2.48 9.28
N ILE A 495 -15.34 3.47 9.75
CA ILE A 495 -15.21 4.73 9.02
C ILE A 495 -14.65 4.49 7.63
N HIS A 496 -13.60 3.66 7.53
CA HIS A 496 -12.99 3.36 6.25
C HIS A 496 -14.02 2.74 5.30
N PHE A 497 -14.70 1.70 5.78
CA PHE A 497 -15.75 1.06 4.99
C PHE A 497 -16.90 2.01 4.71
N GLN A 498 -17.22 2.90 5.66
CA GLN A 498 -18.27 3.89 5.41
C GLN A 498 -17.92 4.77 4.23
N ARG A 499 -16.71 5.34 4.23
CA ARG A 499 -16.33 6.24 3.14
C ARG A 499 -16.25 5.50 1.82
N ARG A 500 -15.74 4.26 1.84
CA ARG A 500 -15.72 3.46 0.62
C ARG A 500 -17.13 3.20 0.10
N ALA A 501 -18.06 2.90 1.01
CA ALA A 501 -19.45 2.70 0.62
C ALA A 501 -20.06 3.99 0.06
N ILE A 502 -19.70 5.14 0.63
CA ILE A 502 -20.23 6.41 0.15
C ILE A 502 -19.77 6.65 -1.28
N LEU A 503 -18.48 6.43 -1.54
CA LEU A 503 -17.97 6.60 -2.90
C LEU A 503 -18.64 5.60 -3.84
N GLY A 504 -18.81 4.36 -3.38
CA GLY A 504 -19.46 3.35 -4.19
C GLY A 504 -20.89 3.71 -4.56
N ALA A 505 -21.61 4.33 -3.62
CA ALA A 505 -23.00 4.70 -3.90
C ALA A 505 -23.06 5.94 -4.80
N LEU A 506 -22.06 6.81 -4.71
CA LEU A 506 -21.96 7.89 -5.69
C LEU A 506 -21.70 7.31 -7.07
N LYS A 507 -20.86 6.28 -7.14
CA LYS A 507 -20.58 5.56 -8.38
C LYS A 507 -21.80 4.86 -8.96
N PHE A 508 -22.64 4.23 -8.13
CA PHE A 508 -23.70 3.38 -8.67
C PHE A 508 -25.09 3.69 -8.14
N GLY A 509 -25.30 4.78 -7.43
CA GLY A 509 -26.60 5.03 -6.83
C GLY A 509 -27.11 3.98 -5.87
N CYS A 510 -28.01 3.13 -6.36
CA CYS A 510 -28.55 2.01 -5.60
C CYS A 510 -28.30 0.67 -6.25
N LYS A 511 -27.87 0.63 -7.52
CA LYS A 511 -27.58 -0.64 -8.17
C LYS A 511 -26.50 -1.42 -7.44
N VAL A 512 -25.63 -0.71 -6.71
CA VAL A 512 -24.65 -1.39 -5.88
C VAL A 512 -25.34 -2.10 -4.72
N LEU A 513 -26.39 -1.51 -4.18
CA LEU A 513 -27.10 -2.12 -3.06
C LEU A 513 -27.96 -3.29 -3.48
N GLY A 514 -28.47 -3.27 -4.71
CA GLY A 514 -29.32 -4.34 -5.21
C GLY A 514 -30.80 -4.02 -5.14
N THR B 61 -11.12 33.40 -1.89
CA THR B 61 -10.01 33.30 -0.95
C THR B 61 -8.76 34.00 -1.48
N GLY B 62 -8.34 35.06 -0.78
CA GLY B 62 -7.19 35.83 -1.20
C GLY B 62 -5.89 35.37 -0.55
N GLU B 63 -5.91 34.16 0.01
CA GLU B 63 -4.73 33.60 0.67
C GLU B 63 -4.54 32.13 0.31
N SER B 64 -4.90 31.73 -0.91
CA SER B 64 -4.90 30.33 -1.29
C SER B 64 -4.37 30.12 -2.70
N TYR B 65 -3.24 30.75 -3.04
CA TYR B 65 -2.61 30.51 -4.33
C TYR B 65 -1.24 29.85 -4.17
N GLY B 66 -0.31 30.49 -3.45
CA GLY B 66 0.97 29.84 -3.19
C GLY B 66 0.80 28.61 -2.31
N GLU B 67 -0.07 28.71 -1.31
CA GLU B 67 -0.43 27.54 -0.52
C GLU B 67 -1.09 26.48 -1.38
N SER B 68 -1.86 26.89 -2.40
CA SER B 68 -2.47 25.91 -3.30
C SER B 68 -1.41 25.16 -4.11
N VAL B 69 -0.41 25.88 -4.62
CA VAL B 69 0.67 25.22 -5.35
C VAL B 69 1.44 24.28 -4.44
N LYS B 70 1.74 24.72 -3.22
CA LYS B 70 2.45 23.88 -2.27
C LYS B 70 1.63 22.63 -1.92
N GLN B 71 0.32 22.80 -1.76
CA GLN B 71 -0.55 21.67 -1.45
C GLN B 71 -0.60 20.68 -2.61
N ALA B 72 -0.64 21.19 -3.84
CA ALA B 72 -0.62 20.30 -5.00
C ALA B 72 0.69 19.51 -5.04
N VAL B 73 1.82 20.18 -4.79
CA VAL B 73 3.10 19.47 -4.79
C VAL B 73 3.12 18.42 -3.68
N LEU B 74 2.57 18.76 -2.51
CA LEU B 74 2.49 17.79 -1.41
C LEU B 74 1.67 16.58 -1.79
N LEU B 75 0.53 16.80 -2.44
CA LEU B 75 -0.32 15.69 -2.84
C LEU B 75 0.37 14.81 -3.88
N ASN B 76 1.10 15.42 -4.82
CA ASN B 76 1.88 14.63 -5.76
C ASN B 76 2.96 13.81 -5.04
N VAL B 77 3.58 14.40 -4.01
CA VAL B 77 4.60 13.68 -3.26
C VAL B 77 4.00 12.48 -2.54
N LEU B 78 2.82 12.65 -1.95
CA LEU B 78 2.18 11.60 -1.18
C LEU B 78 1.41 10.60 -2.05
N GLY B 79 1.38 10.79 -3.36
CA GLY B 79 0.61 9.91 -4.23
C GLY B 79 1.32 8.64 -4.65
N SER B 80 2.63 8.59 -4.45
CA SER B 80 3.41 7.43 -4.89
C SER B 80 3.05 6.20 -4.06
N GLY B 81 2.96 5.05 -4.73
CA GLY B 81 2.58 3.83 -4.04
C GLY B 81 3.61 3.34 -3.05
N GLU B 82 4.89 3.34 -3.43
CA GLU B 82 5.95 2.75 -2.62
C GLU B 82 6.87 3.79 -2.00
N GLU B 83 6.33 4.96 -1.67
CA GLU B 83 7.12 5.99 -1.01
C GLU B 83 6.34 6.56 0.15
N ILE B 84 7.07 6.97 1.19
CA ILE B 84 6.51 7.52 2.42
C ILE B 84 5.55 6.50 3.03
N PRO B 85 6.04 5.40 3.58
CA PRO B 85 5.14 4.44 4.22
C PRO B 85 4.55 5.01 5.50
N ASP B 86 3.42 4.45 5.90
CA ASP B 86 2.79 4.87 7.14
C ASP B 86 3.66 4.47 8.32
N PRO B 87 4.12 5.42 9.15
CA PRO B 87 5.03 5.04 10.25
C PRO B 87 4.41 4.11 11.27
N LEU B 88 3.10 4.23 11.53
CA LEU B 88 2.43 3.46 12.56
C LEU B 88 1.67 2.26 12.00
N SER B 89 2.17 1.64 10.94
CA SER B 89 1.50 0.49 10.33
C SER B 89 2.55 -0.40 9.68
N PRO B 90 2.96 -1.48 10.36
CA PRO B 90 3.87 -2.43 9.70
C PRO B 90 3.29 -3.08 8.46
N GLY B 91 1.98 -3.31 8.43
CA GLY B 91 1.37 -3.91 7.26
C GLY B 91 1.48 -3.05 6.02
N GLU B 92 1.30 -1.74 6.17
CA GLU B 92 1.43 -0.83 5.04
C GLU B 92 2.85 -0.82 4.50
N ARG B 93 3.84 -0.81 5.40
CA ARG B 93 5.23 -0.85 4.96
C ARG B 93 5.53 -2.16 4.23
N GLY B 94 5.01 -3.28 4.75
CA GLY B 94 5.18 -4.54 4.05
C GLY B 94 4.54 -4.55 2.68
N ILE B 95 3.35 -3.97 2.57
CA ILE B 95 2.65 -3.91 1.29
C ILE B 95 3.46 -3.09 0.29
N GLN B 96 3.95 -1.92 0.72
CA GLN B 96 4.74 -1.09 -0.17
C GLN B 96 6.02 -1.80 -0.62
N ALA B 97 6.72 -2.43 0.32
CA ALA B 97 7.95 -3.13 -0.03
C ALA B 97 7.68 -4.28 -0.99
N LYS B 98 6.62 -5.06 -0.75
CA LYS B 98 6.33 -6.20 -1.61
C LYS B 98 5.91 -5.74 -3.00
N LEU B 99 5.12 -4.68 -3.08
CA LEU B 99 4.73 -4.15 -4.39
C LEU B 99 5.95 -3.64 -5.17
N LYS B 100 6.85 -2.92 -4.49
CA LYS B 100 8.06 -2.46 -5.15
C LYS B 100 8.90 -3.62 -5.63
N GLU B 101 9.03 -4.67 -4.80
CA GLU B 101 9.82 -5.83 -5.19
C GLU B 101 9.20 -6.53 -6.40
N LEU B 102 7.88 -6.68 -6.42
CA LEU B 102 7.22 -7.34 -7.53
C LEU B 102 7.45 -6.56 -8.83
N GLU B 103 7.25 -5.25 -8.80
CA GLU B 103 7.46 -4.46 -10.01
C GLU B 103 8.92 -4.46 -10.42
N ASP B 104 9.83 -4.47 -9.45
CA ASP B 104 11.26 -4.50 -9.76
C ASP B 104 11.62 -5.78 -10.50
N GLU B 105 11.20 -6.93 -9.96
CA GLU B 105 11.48 -8.21 -10.61
C GLU B 105 10.81 -8.31 -11.98
N GLN B 106 9.57 -7.84 -12.09
CA GLN B 106 8.88 -7.89 -13.37
C GLN B 106 9.58 -7.02 -14.41
N ARG B 107 10.06 -5.84 -14.01
CA ARG B 107 10.77 -4.96 -14.94
C ARG B 107 12.08 -5.58 -15.37
N ASN B 108 12.82 -6.21 -14.44
CA ASN B 108 14.05 -6.88 -14.84
C ASN B 108 13.77 -8.02 -15.81
N GLU B 109 12.71 -8.79 -15.58
CA GLU B 109 12.37 -9.87 -16.50
C GLU B 109 12.03 -9.32 -17.88
N LEU B 110 11.25 -8.24 -17.92
CA LEU B 110 10.87 -7.65 -19.21
C LEU B 110 12.10 -7.13 -19.96
N VAL B 111 13.02 -6.47 -19.26
CA VAL B 111 14.17 -5.92 -19.96
C VAL B 111 15.17 -7.01 -20.34
N ARG B 112 15.22 -8.10 -19.58
CA ARG B 112 16.05 -9.23 -19.98
C ARG B 112 15.51 -9.90 -21.24
N LEU B 113 14.19 -10.11 -21.30
CA LEU B 113 13.63 -10.80 -22.45
C LEU B 113 13.44 -9.87 -23.65
N LYS B 114 13.51 -8.55 -23.45
CA LYS B 114 13.21 -7.59 -24.50
C LYS B 114 14.15 -7.70 -25.69
N TYR B 115 15.44 -7.39 -25.48
CA TYR B 115 16.36 -7.42 -26.63
C TYR B 115 16.84 -8.84 -26.90
N ASN B 116 17.70 -9.36 -26.02
CA ASN B 116 18.25 -10.71 -26.08
C ASN B 116 18.99 -11.00 -27.38
N ASP B 117 19.06 -10.01 -28.29
CA ASP B 117 19.73 -10.17 -29.57
C ASP B 117 20.87 -9.18 -29.75
N LYS B 118 20.60 -7.87 -29.60
CA LYS B 118 21.67 -6.90 -29.60
C LYS B 118 22.54 -7.04 -28.35
N ILE B 119 21.91 -7.38 -27.22
CA ILE B 119 22.68 -7.71 -26.02
C ILE B 119 23.56 -8.93 -26.28
N LYS B 120 23.02 -9.93 -27.00
CA LYS B 120 23.80 -11.12 -27.30
C LYS B 120 24.99 -10.79 -28.21
N GLU B 121 24.78 -9.92 -29.21
CA GLU B 121 25.87 -9.58 -30.12
C GLU B 121 26.90 -8.69 -29.46
N LYS B 122 26.50 -7.86 -28.50
CA LYS B 122 27.46 -6.97 -27.84
C LYS B 122 28.27 -7.71 -26.78
N PHE B 123 27.59 -8.22 -25.75
CA PHE B 123 28.25 -8.86 -24.61
C PHE B 123 27.50 -10.12 -24.18
N GLY B 124 27.08 -10.93 -25.15
CA GLY B 124 26.18 -12.04 -24.90
C GLY B 124 26.61 -13.10 -23.90
N LYS B 125 27.66 -13.85 -24.24
CA LYS B 125 28.05 -14.99 -23.41
C LYS B 125 28.48 -14.54 -22.01
N GLU B 126 29.21 -13.42 -21.94
CA GLU B 126 29.87 -13.00 -20.70
C GLU B 126 28.91 -12.94 -19.52
N LEU B 127 27.76 -12.29 -19.70
CA LEU B 127 26.82 -12.13 -18.60
C LEU B 127 25.74 -13.22 -18.59
N GLU B 128 25.18 -13.54 -19.76
CA GLU B 128 24.09 -14.50 -19.81
C GLU B 128 24.54 -15.88 -19.36
N GLU B 129 25.70 -16.34 -19.83
CA GLU B 129 26.17 -17.67 -19.44
C GLU B 129 26.43 -17.74 -17.94
N VAL B 130 27.05 -16.71 -17.38
CA VAL B 130 27.34 -16.70 -15.95
C VAL B 130 26.06 -16.66 -15.14
N TYR B 131 25.09 -15.85 -15.56
CA TYR B 131 23.83 -15.76 -14.84
C TYR B 131 23.07 -17.08 -14.88
N ASN B 132 23.01 -17.72 -16.05
CA ASN B 132 22.32 -18.99 -16.17
C ASN B 132 23.02 -20.07 -15.35
N PHE B 133 24.35 -20.08 -15.34
CA PHE B 133 25.09 -21.08 -14.58
C PHE B 133 24.91 -20.89 -13.08
N MET B 134 24.95 -19.65 -12.60
CA MET B 134 24.86 -19.36 -11.17
C MET B 134 23.42 -19.28 -10.67
N ASN B 135 22.43 -19.31 -11.56
CA ASN B 135 21.03 -19.28 -11.14
C ASN B 135 20.61 -20.61 -10.50
N LYS B 146 36.63 -22.23 -10.91
CA LYS B 146 35.19 -22.03 -11.04
C LYS B 146 34.77 -20.69 -10.45
N GLN B 147 34.84 -20.59 -9.11
CA GLN B 147 34.42 -19.37 -8.43
C GLN B 147 35.28 -18.19 -8.85
N PHE B 148 36.61 -18.37 -8.89
CA PHE B 148 37.50 -17.27 -9.24
C PHE B 148 37.29 -16.82 -10.69
N ASP B 149 37.13 -17.78 -11.60
CA ASP B 149 36.92 -17.43 -13.01
C ASP B 149 35.60 -16.69 -13.20
N ILE B 150 34.54 -17.18 -12.56
CA ILE B 150 33.23 -16.53 -12.67
C ILE B 150 33.29 -15.12 -12.09
N LEU B 151 33.95 -14.97 -10.93
CA LEU B 151 34.07 -13.65 -10.32
C LEU B 151 34.87 -12.70 -11.21
N ASN B 152 35.94 -13.18 -11.83
CA ASN B 152 36.74 -12.34 -12.71
C ASN B 152 35.93 -11.90 -13.93
N LYS B 153 35.20 -12.84 -14.54
CA LYS B 153 34.38 -12.48 -15.70
C LYS B 153 33.29 -11.48 -15.31
N ALA B 154 32.63 -11.70 -14.17
CA ALA B 154 31.58 -10.78 -13.73
C ALA B 154 32.15 -9.40 -13.44
N VAL B 155 33.32 -9.34 -12.80
CA VAL B 155 33.94 -8.05 -12.48
C VAL B 155 34.31 -7.31 -13.76
N THR B 156 34.89 -8.03 -14.73
CA THR B 156 35.25 -7.40 -16.00
C THR B 156 34.01 -6.88 -16.73
N SER B 157 32.94 -7.67 -16.75
CA SER B 157 31.71 -7.23 -17.42
C SER B 157 31.11 -6.02 -16.72
N TYR B 158 31.07 -6.03 -15.39
CA TYR B 158 30.54 -4.89 -14.66
C TYR B 158 31.37 -3.64 -14.90
N ASN B 159 32.70 -3.78 -14.88
CA ASN B 159 33.57 -2.64 -15.13
C ASN B 159 33.37 -2.07 -16.52
N LYS B 160 33.26 -2.95 -17.53
CA LYS B 160 33.06 -2.44 -18.89
C LYS B 160 31.69 -1.81 -19.04
N ILE B 161 30.67 -2.33 -18.35
CA ILE B 161 29.34 -1.72 -18.38
C ILE B 161 29.40 -0.32 -17.79
N LEU B 162 30.04 -0.19 -16.63
CA LEU B 162 30.15 1.11 -15.98
C LEU B 162 30.92 2.10 -16.83
N THR B 163 32.01 1.65 -17.46
CA THR B 163 32.78 2.54 -18.32
C THR B 163 31.97 2.97 -19.54
N GLU B 164 31.18 2.06 -20.12
CA GLU B 164 30.36 2.43 -21.27
C GLU B 164 29.29 3.45 -20.88
N GLU B 165 28.65 3.25 -19.72
CA GLU B 165 27.68 4.23 -19.24
C GLU B 165 28.35 5.58 -19.01
N ASP B 166 29.55 5.56 -18.41
CA ASP B 166 30.30 6.79 -18.19
C ASP B 166 30.57 7.49 -19.51
N LEU B 167 31.02 6.75 -20.52
CA LEU B 167 31.34 7.36 -21.81
C LEU B 167 30.12 7.97 -22.47
N GLN B 168 28.99 7.26 -22.47
CA GLN B 168 27.83 7.79 -23.17
C GLN B 168 27.23 8.99 -22.44
N MET B 169 27.14 8.94 -21.10
CA MET B 169 26.65 10.11 -20.38
C MET B 169 27.63 11.28 -20.45
N ARG B 170 28.93 11.00 -20.52
CA ARG B 170 29.91 12.07 -20.68
C ARG B 170 29.78 12.72 -22.05
N ARG B 171 29.55 11.93 -23.09
CA ARG B 171 29.30 12.50 -24.41
C ARG B 171 28.03 13.33 -24.42
N LEU B 172 26.98 12.84 -23.74
CA LEU B 172 25.74 13.61 -23.63
C LEU B 172 25.98 14.93 -22.93
N ALA B 173 26.76 14.91 -21.84
CA ALA B 173 27.05 16.14 -21.12
C ALA B 173 27.85 17.11 -21.96
N THR B 174 28.92 16.63 -22.60
CA THR B 174 29.75 17.49 -23.44
C THR B 174 28.95 18.10 -24.58
N ALA B 175 28.00 17.34 -25.14
CA ALA B 175 27.08 17.93 -26.10
C ALA B 175 26.15 18.93 -25.44
N LEU B 176 25.79 18.72 -24.17
CA LEU B 176 24.88 19.63 -23.48
C LEU B 176 25.52 20.99 -23.27
N GLN B 177 26.80 21.04 -22.89
CA GLN B 177 27.53 22.31 -22.85
C GLN B 177 28.31 22.58 -24.14
N LYS B 178 27.80 22.16 -25.29
CA LYS B 178 28.47 22.38 -26.57
C LYS B 178 27.83 23.49 -27.39
N GLU B 179 27.01 24.33 -26.77
CA GLU B 179 26.30 25.41 -27.46
C GLU B 179 25.43 24.82 -28.59
N ILE B 180 24.38 24.11 -28.15
CA ILE B 180 23.61 23.15 -28.95
C ILE B 180 23.28 23.66 -30.35
N GLY B 181 23.23 24.98 -30.52
CA GLY B 181 23.12 25.55 -31.85
C GLY B 181 24.39 25.44 -32.67
N GLU B 182 25.37 24.66 -32.19
CA GLU B 182 26.61 24.44 -32.90
C GLU B 182 27.03 22.97 -33.00
N ARG B 183 26.44 22.07 -32.21
CA ARG B 183 26.82 20.67 -32.26
C ARG B 183 26.41 20.04 -33.58
N THR B 184 27.06 18.92 -33.91
CA THR B 184 26.83 18.27 -35.19
C THR B 184 25.48 17.56 -35.19
N HIS B 185 25.17 16.90 -36.30
CA HIS B 185 23.82 16.37 -36.53
C HIS B 185 23.47 15.28 -35.53
N ALA B 186 24.41 14.37 -35.25
CA ALA B 186 24.12 13.29 -34.32
C ALA B 186 23.87 13.82 -32.91
N GLU B 187 24.70 14.76 -32.46
CA GLU B 187 24.51 15.35 -31.13
C GLU B 187 23.22 16.14 -31.08
N THR B 188 22.88 16.84 -32.17
CA THR B 188 21.60 17.54 -32.23
C THR B 188 20.44 16.57 -32.09
N VAL B 189 20.52 15.42 -32.78
CA VAL B 189 19.45 14.42 -32.69
C VAL B 189 19.33 13.89 -31.27
N MET B 190 20.46 13.58 -30.64
CA MET B 190 20.44 13.05 -29.28
C MET B 190 19.88 14.07 -28.29
N VAL B 191 20.31 15.34 -28.41
CA VAL B 191 19.82 16.39 -27.52
C VAL B 191 18.33 16.59 -27.71
N LYS B 192 17.86 16.60 -28.96
CA LYS B 192 16.43 16.72 -29.22
C LYS B 192 15.66 15.55 -28.64
N GLU B 193 16.22 14.34 -28.74
CA GLU B 193 15.55 13.16 -28.17
C GLU B 193 15.42 13.28 -26.66
N TYR B 194 16.50 13.72 -25.99
CA TYR B 194 16.41 13.86 -24.54
C TYR B 194 15.46 14.98 -24.15
N ARG B 195 15.41 16.05 -24.94
CA ARG B 195 14.46 17.12 -24.69
C ARG B 195 13.03 16.62 -24.85
N ASP B 196 12.79 15.76 -25.85
CA ASP B 196 11.48 15.15 -26.02
C ASP B 196 11.13 14.27 -24.83
N LYS B 197 12.11 13.52 -24.31
CA LYS B 197 11.88 12.72 -23.12
C LYS B 197 11.50 13.60 -21.93
N ILE B 198 12.22 14.70 -21.73
CA ILE B 198 11.92 15.62 -20.63
C ILE B 198 10.53 16.22 -20.79
N ASP B 199 10.16 16.60 -22.02
CA ASP B 199 8.84 17.17 -22.26
C ASP B 199 7.74 16.15 -22.02
N ALA B 200 7.98 14.89 -22.40
CA ALA B 200 7.00 13.84 -22.13
C ALA B 200 6.82 13.64 -20.63
N LEU B 201 7.92 13.65 -19.87
CA LEU B 201 7.80 13.51 -18.43
C LEU B 201 7.13 14.74 -17.80
N LYS B 202 7.36 15.92 -18.37
CA LYS B 202 6.72 17.13 -17.86
C LYS B 202 5.22 17.10 -18.11
N ASN B 203 4.80 16.63 -19.29
CA ASN B 203 3.38 16.46 -19.56
C ASN B 203 2.78 15.41 -18.62
N ALA B 204 3.49 14.30 -18.41
CA ALA B 204 3.02 13.26 -17.52
C ALA B 204 3.25 13.65 -16.06
N ALA B 245 12.29 0.92 -25.93
CA ALA B 245 13.70 0.55 -25.82
C ALA B 245 14.46 1.53 -24.94
N VAL B 246 14.21 1.47 -23.63
CA VAL B 246 14.84 2.37 -22.66
C VAL B 246 15.58 1.53 -21.62
N ALA B 247 16.83 1.90 -21.37
CA ALA B 247 17.65 1.24 -20.35
C ALA B 247 18.69 2.26 -19.90
N THR B 248 18.47 2.88 -18.74
CA THR B 248 19.35 3.94 -18.27
C THR B 248 20.74 3.42 -17.91
N GLY B 249 20.85 2.15 -17.55
CA GLY B 249 22.14 1.57 -17.19
C GLY B 249 22.06 0.70 -15.96
N ARG B 250 21.18 1.06 -15.03
CA ARG B 250 20.93 0.22 -13.88
C ARG B 250 20.10 -1.01 -14.23
N ALA B 251 19.38 -0.96 -15.36
CA ALA B 251 18.53 -2.08 -15.75
C ALA B 251 19.34 -3.34 -16.02
N ILE B 252 20.48 -3.21 -16.71
CA ILE B 252 21.32 -4.36 -16.99
C ILE B 252 21.90 -4.91 -15.70
N GLU B 253 22.40 -4.04 -14.82
CA GLU B 253 23.05 -4.49 -13.59
C GLU B 253 22.07 -5.20 -12.67
N GLY B 254 20.85 -4.68 -12.55
CA GLY B 254 19.84 -5.36 -11.75
C GLY B 254 19.09 -6.45 -12.46
N ALA B 255 19.31 -6.61 -13.76
CA ALA B 255 18.56 -7.58 -14.57
C ALA B 255 19.23 -8.94 -14.60
N TYR B 256 20.48 -8.99 -15.05
CA TYR B 256 21.22 -10.25 -15.14
C TYR B 256 21.74 -10.73 -13.80
N LYS B 257 21.26 -10.15 -12.69
CA LYS B 257 21.64 -10.54 -11.33
C LYS B 257 23.14 -10.40 -11.11
N LEU B 258 23.77 -9.45 -11.81
CA LEU B 258 25.19 -9.20 -11.63
C LEU B 258 25.48 -8.74 -10.21
N LYS B 259 24.73 -7.74 -9.73
CA LYS B 259 24.96 -7.21 -8.39
C LYS B 259 24.65 -8.25 -7.32
N LYS B 260 23.61 -9.06 -7.55
CA LYS B 260 23.23 -10.07 -6.55
C LYS B 260 24.34 -11.09 -6.34
N VAL B 261 24.97 -11.55 -7.42
CA VAL B 261 26.02 -12.55 -7.27
C VAL B 261 27.34 -11.91 -6.84
N ILE B 262 27.59 -10.65 -7.23
CA ILE B 262 28.79 -9.97 -6.74
C ILE B 262 28.71 -9.77 -5.23
N ASN B 263 27.54 -9.36 -4.73
CA ASN B 263 27.36 -9.14 -3.29
C ASN B 263 27.52 -10.44 -2.51
N PRO B 295 16.45 28.63 -20.48
CA PRO B 295 17.78 28.16 -20.90
C PRO B 295 17.97 26.66 -20.68
N ASP B 296 18.49 25.99 -21.71
CA ASP B 296 18.73 24.55 -21.61
C ASP B 296 19.97 24.20 -20.79
N ASN B 297 20.76 25.19 -20.38
CA ASN B 297 21.98 24.92 -19.64
C ASN B 297 21.71 24.39 -18.23
N ALA B 298 20.51 24.60 -17.69
CA ALA B 298 20.19 24.07 -16.37
C ALA B 298 20.12 22.55 -16.39
N LEU B 299 19.38 21.99 -17.35
CA LEU B 299 19.37 20.55 -17.53
C LEU B 299 20.77 20.04 -17.88
N ALA B 300 21.55 20.85 -18.58
CA ALA B 300 22.93 20.48 -18.90
C ALA B 300 23.75 20.32 -17.62
N VAL B 301 23.62 21.26 -16.69
CA VAL B 301 24.35 21.19 -15.44
C VAL B 301 23.88 20.01 -14.60
N SER B 302 22.56 19.76 -14.58
CA SER B 302 22.03 18.62 -13.85
C SER B 302 22.58 17.31 -14.39
N VAL B 303 22.59 17.17 -15.72
CA VAL B 303 23.11 15.95 -16.34
C VAL B 303 24.60 15.81 -16.09
N LEU B 304 25.34 16.92 -16.11
CA LEU B 304 26.76 16.87 -15.81
C LEU B 304 27.02 16.39 -14.39
N SER B 305 26.24 16.90 -13.43
CA SER B 305 26.39 16.47 -12.04
C SER B 305 26.05 14.99 -11.90
N LYS B 306 24.98 14.54 -12.56
CA LYS B 306 24.62 13.13 -12.51
C LYS B 306 25.71 12.26 -13.12
N ASN B 307 26.29 12.70 -14.23
CA ASN B 307 27.37 11.95 -14.86
C ASN B 307 28.59 11.89 -13.96
N ARG B 308 28.92 12.99 -13.27
CA ARG B 308 30.04 12.97 -12.34
C ARG B 308 29.80 12.00 -11.19
N ALA B 309 28.59 12.00 -10.64
CA ALA B 309 28.27 11.05 -9.57
C ALA B 309 28.37 9.61 -10.05
N ILE B 310 27.84 9.34 -11.25
CA ILE B 310 27.91 7.99 -11.81
C ILE B 310 29.36 7.59 -12.05
N GLN B 311 30.18 8.52 -12.51
CA GLN B 311 31.60 8.24 -12.74
C GLN B 311 32.30 7.90 -11.43
N GLU B 312 32.02 8.66 -10.37
CA GLU B 312 32.63 8.36 -9.08
C GLU B 312 32.23 6.98 -8.57
N ASN B 313 30.93 6.67 -8.68
CA ASN B 313 30.46 5.35 -8.24
C ASN B 313 31.10 4.25 -9.07
N HIS B 314 31.22 4.45 -10.39
CA HIS B 314 31.82 3.45 -11.27
C HIS B 314 33.28 3.23 -10.95
N LYS B 315 34.03 4.32 -10.67
CA LYS B 315 35.43 4.19 -10.32
C LYS B 315 35.60 3.44 -9.01
N GLU B 316 34.75 3.74 -8.02
CA GLU B 316 34.80 3.01 -6.76
C GLU B 316 34.50 1.53 -6.97
N LEU B 317 33.49 1.23 -7.79
CA LEU B 317 33.15 -0.17 -8.05
C LEU B 317 34.28 -0.89 -8.77
N MET B 318 34.91 -0.24 -9.74
CA MET B 318 36.02 -0.85 -10.46
C MET B 318 37.21 -1.11 -9.55
N HIS B 319 37.52 -0.16 -8.66
CA HIS B 319 38.59 -0.39 -7.70
C HIS B 319 38.26 -1.55 -6.77
N ILE B 320 37.01 -1.63 -6.32
CA ILE B 320 36.60 -2.73 -5.45
C ILE B 320 36.72 -4.07 -6.17
N LYS B 321 36.32 -4.12 -7.44
CA LYS B 321 36.42 -5.36 -8.20
C LYS B 321 37.87 -5.75 -8.45
N ASN B 322 38.73 -4.75 -8.71
CA ASN B 322 40.16 -5.04 -8.88
C ASN B 322 40.75 -5.59 -7.59
N GLU B 323 40.34 -5.04 -6.44
CA GLU B 323 40.78 -5.58 -5.16
C GLU B 323 40.26 -7.00 -4.95
N ILE B 324 39.01 -7.26 -5.35
CA ILE B 324 38.41 -8.57 -5.16
C ILE B 324 39.12 -9.62 -6.00
N LEU B 325 39.56 -9.23 -7.20
CA LEU B 325 40.38 -10.13 -8.01
C LEU B 325 41.64 -10.57 -7.28
N PRO B 326 42.39 -9.67 -6.64
CA PRO B 326 43.54 -10.14 -5.83
C PRO B 326 43.13 -11.02 -4.68
N ARG B 327 41.96 -10.81 -4.07
CA ARG B 327 41.51 -11.67 -2.98
C ARG B 327 41.26 -13.08 -3.48
N PHE B 328 40.60 -13.23 -4.64
CA PHE B 328 40.39 -14.55 -5.22
C PHE B 328 41.71 -15.18 -5.63
N LYS B 329 42.63 -14.38 -6.19
CA LYS B 329 43.93 -14.90 -6.59
C LYS B 329 44.77 -15.31 -5.38
N LYS B 330 44.46 -14.76 -4.20
CA LYS B 330 45.19 -15.09 -2.98
C LYS B 330 44.88 -16.51 -2.53
N ILE B 356 27.18 2.38 -2.56
CA ILE B 356 25.97 2.40 -1.74
C ILE B 356 26.34 2.29 -0.26
N PRO B 357 25.87 3.23 0.56
CA PRO B 357 26.18 3.20 1.99
C PRO B 357 25.45 2.07 2.70
N ARG B 358 26.06 1.60 3.78
CA ARG B 358 25.51 0.52 4.59
C ARG B 358 26.22 0.51 5.93
N ALA B 359 25.49 0.13 6.97
CA ALA B 359 25.97 0.03 8.35
C ALA B 359 26.40 1.37 8.93
N GLN B 360 26.15 2.48 8.22
CA GLN B 360 26.47 3.80 8.71
C GLN B 360 25.31 4.77 8.53
N GLN B 361 24.16 4.28 8.09
CA GLN B 361 22.96 5.06 7.92
C GLN B 361 22.32 5.37 9.27
N PRO B 362 21.61 6.50 9.38
CA PRO B 362 20.93 6.80 10.64
C PRO B 362 19.80 5.82 10.90
N GLN B 363 19.53 5.58 12.18
CA GLN B 363 18.48 4.67 12.59
C GLN B 363 17.35 5.48 13.23
N ILE B 364 16.14 5.26 12.75
CA ILE B 364 14.94 5.91 13.28
C ILE B 364 14.05 4.83 13.88
N HIS B 365 13.78 4.92 15.17
CA HIS B 365 12.86 4.01 15.83
C HIS B 365 11.56 4.75 16.13
N VAL B 366 10.43 4.12 15.80
CA VAL B 366 9.13 4.76 15.93
C VAL B 366 8.43 4.15 17.14
N TYR B 367 8.21 4.96 18.17
CA TYR B 367 7.49 4.51 19.36
C TYR B 367 6.15 5.22 19.44
N SER B 368 5.24 4.64 20.22
CA SER B 368 3.93 5.23 20.40
C SER B 368 3.44 4.96 21.83
N ALA B 369 2.89 5.99 22.45
CA ALA B 369 2.31 5.81 23.78
C ALA B 369 1.12 4.86 23.70
N PRO B 370 0.94 3.98 24.68
CA PRO B 370 0.00 2.86 24.50
C PRO B 370 -1.46 3.23 24.26
N TRP B 371 -2.06 4.01 25.16
CA TRP B 371 -3.51 4.07 25.19
C TRP B 371 -4.12 5.04 24.18
N ASP B 372 -3.34 5.92 23.56
CA ASP B 372 -3.86 6.82 22.53
C ASP B 372 -2.87 6.94 21.38
N SER B 373 -2.28 5.82 20.97
CA SER B 373 -1.16 5.85 20.04
C SER B 373 -1.55 6.39 18.66
N ASP B 374 -2.84 6.41 18.33
CA ASP B 374 -3.24 6.94 17.03
C ASP B 374 -2.87 8.42 16.91
N ASP B 375 -3.04 9.18 17.98
CA ASP B 375 -2.69 10.60 17.98
C ASP B 375 -1.23 10.81 18.41
N VAL B 376 -0.87 10.35 19.61
CA VAL B 376 0.43 10.63 20.18
C VAL B 376 1.43 9.54 19.78
N PHE B 377 2.61 9.96 19.35
CA PHE B 377 3.70 9.05 19.02
C PHE B 377 4.99 9.86 19.00
N PHE B 378 6.11 9.18 18.75
CA PHE B 378 7.36 9.92 18.59
C PHE B 378 8.40 9.08 17.86
N PHE B 379 9.42 9.78 17.39
CA PHE B 379 10.59 9.18 16.75
C PHE B 379 11.81 9.42 17.62
N HIS B 380 12.57 8.35 17.84
CA HIS B 380 13.88 8.41 18.47
C HIS B 380 14.93 8.16 17.41
N CYS B 381 15.83 9.11 17.20
CA CYS B 381 16.84 8.99 16.17
C CYS B 381 18.22 8.93 16.79
N ILE B 382 18.98 7.90 16.42
CA ILE B 382 20.34 7.69 16.91
C ILE B 382 21.28 7.72 15.71
N SER B 383 22.33 8.54 15.81
CA SER B 383 23.29 8.67 14.73
C SER B 383 24.26 7.50 14.76
N HIS B 384 25.13 7.44 13.75
CA HIS B 384 26.18 6.44 13.68
C HIS B 384 27.51 7.13 13.41
N HIS B 385 28.59 6.42 13.72
CA HIS B 385 29.98 6.88 13.66
C HIS B 385 30.19 8.17 14.45
N HIS B 386 29.23 8.50 15.33
CA HIS B 386 29.44 9.43 16.44
C HIS B 386 29.20 8.77 17.78
N ALA B 387 28.10 8.03 17.91
CA ALA B 387 27.78 7.19 19.07
C ALA B 387 27.56 8.00 20.34
N ASN B 388 27.32 9.31 20.23
CA ASN B 388 26.95 10.09 21.40
C ASN B 388 25.85 11.11 21.14
N GLU B 389 25.35 11.24 19.92
CA GLU B 389 24.35 12.24 19.58
C GLU B 389 23.05 11.55 19.15
N SER B 390 21.94 12.04 19.67
CA SER B 390 20.63 11.49 19.31
C SER B 390 19.60 12.58 19.52
N PHE B 391 18.38 12.35 19.03
CA PHE B 391 17.33 13.32 19.31
C PHE B 391 15.97 12.65 19.42
N PHE B 392 15.08 13.38 20.10
CA PHE B 392 13.71 12.98 20.37
C PHE B 392 12.77 13.96 19.67
N LEU B 393 11.81 13.42 18.92
CA LEU B 393 10.83 14.25 18.21
C LEU B 393 9.45 13.67 18.45
N GLY B 394 8.65 14.33 19.27
CA GLY B 394 7.35 13.82 19.70
C GLY B 394 6.21 14.62 19.10
N PHE B 395 5.16 13.91 18.69
CA PHE B 395 3.99 14.52 18.06
C PHE B 395 2.74 14.09 18.81
N ASP B 396 1.86 15.07 19.06
CA ASP B 396 0.51 14.81 19.54
C ASP B 396 -0.43 15.54 18.59
N LEU B 397 -1.33 14.80 17.96
CA LEU B 397 -2.12 15.35 16.86
C LEU B 397 -3.53 15.76 17.27
N SER B 398 -4.05 15.22 18.37
CA SER B 398 -5.34 15.72 18.87
C SER B 398 -5.20 17.13 19.41
N ILE B 399 -4.05 17.44 20.01
CA ILE B 399 -3.80 18.76 20.60
C ILE B 399 -2.97 19.65 19.69
N ASP B 400 -2.38 19.09 18.64
CA ASP B 400 -1.47 19.79 17.73
C ASP B 400 -0.27 20.36 18.50
N LEU B 401 0.50 19.44 19.08
CA LEU B 401 1.69 19.80 19.84
C LEU B 401 2.89 19.04 19.28
N VAL B 402 3.97 19.76 19.03
CA VAL B 402 5.21 19.20 18.51
C VAL B 402 6.31 19.53 19.49
N HIS B 403 7.09 18.54 19.90
CA HIS B 403 8.10 18.74 20.93
C HIS B 403 9.42 18.12 20.47
N TYR B 404 10.46 18.94 20.41
CA TYR B 404 11.79 18.53 20.02
C TYR B 404 12.75 18.64 21.19
N GLU B 405 13.69 17.69 21.28
CA GLU B 405 14.89 17.96 22.06
C GLU B 405 16.06 17.08 21.64
N ASP B 406 17.21 17.71 21.50
CA ASP B 406 18.48 17.02 21.31
C ASP B 406 18.91 16.37 22.62
N LEU B 407 19.30 15.09 22.56
CA LEU B 407 19.84 14.40 23.72
C LEU B 407 21.17 13.80 23.34
N THR B 408 22.22 14.18 24.08
CA THR B 408 23.56 13.69 23.83
C THR B 408 24.16 13.17 25.12
N ALA B 409 25.46 12.88 25.12
CA ALA B 409 26.15 12.38 26.31
C ALA B 409 27.50 13.04 26.39
N HIS B 410 27.66 13.96 27.33
CA HIS B 410 28.95 14.58 27.58
C HIS B 410 29.71 13.76 28.62
N TRP B 411 30.83 14.29 29.10
CA TRP B 411 31.54 13.73 30.23
C TRP B 411 31.32 14.65 31.42
N HIS B 412 30.65 14.14 32.45
CA HIS B 412 30.34 14.93 33.63
C HIS B 412 30.86 14.23 34.86
N ALA B 413 31.55 14.97 35.72
CA ALA B 413 32.10 14.44 36.95
C ALA B 413 31.20 14.83 38.11
N LEU B 414 30.64 13.84 38.79
CA LEU B 414 29.88 14.04 40.00
C LEU B 414 30.69 13.48 41.16
N GLY B 415 30.93 14.30 42.16
CA GLY B 415 31.84 13.90 43.23
C GLY B 415 33.21 13.61 42.65
N ALA B 416 33.67 12.38 42.86
CA ALA B 416 34.91 11.88 42.27
C ALA B 416 34.63 10.70 41.35
N ALA B 417 33.53 10.76 40.61
CA ALA B 417 33.13 9.72 39.69
C ALA B 417 32.70 10.36 38.37
N GLN B 418 32.83 9.59 37.28
CA GLN B 418 32.50 10.07 35.95
C GLN B 418 31.23 9.42 35.46
N THR B 419 30.50 10.15 34.60
CA THR B 419 29.29 9.63 34.00
C THR B 419 28.97 10.44 32.75
N ALA B 420 27.91 10.06 32.06
CA ALA B 420 27.45 10.73 30.84
C ALA B 420 26.13 11.43 31.16
N ALA B 421 26.24 12.67 31.64
CA ALA B 421 25.05 13.44 32.03
C ALA B 421 24.37 13.98 30.78
N GLY B 422 23.36 13.25 30.31
CA GLY B 422 22.58 13.69 29.17
C GLY B 422 21.12 13.33 29.38
N ARG B 423 20.26 14.03 28.64
CA ARG B 423 18.83 13.81 28.76
C ARG B 423 18.47 12.40 28.32
N THR B 424 18.08 11.55 29.27
CA THR B 424 17.72 10.17 28.95
C THR B 424 16.40 10.15 28.19
N LEU B 425 16.22 9.13 27.35
CA LEU B 425 14.99 9.01 26.59
C LEU B 425 13.78 8.87 27.51
N THR B 426 13.93 8.17 28.64
CA THR B 426 12.80 7.94 29.51
C THR B 426 12.25 9.24 30.06
N GLU B 427 13.11 10.06 30.66
CA GLU B 427 12.65 11.34 31.19
C GLU B 427 12.23 12.29 30.07
N ALA B 428 12.79 12.11 28.87
CA ALA B 428 12.34 12.88 27.71
C ALA B 428 10.87 12.59 27.41
N TYR B 429 10.53 11.30 27.33
CA TYR B 429 9.16 10.91 27.05
C TYR B 429 8.23 11.34 28.18
N ARG B 430 8.69 11.22 29.43
CA ARG B 430 7.88 11.64 30.57
C ARG B 430 7.61 13.14 30.52
N GLU B 431 8.62 13.95 30.19
CA GLU B 431 8.43 15.40 30.11
C GLU B 431 7.50 15.76 28.96
N PHE B 432 7.61 15.05 27.83
CA PHE B 432 6.69 15.31 26.73
C PHE B 432 5.25 15.00 27.14
N LEU B 433 5.05 13.87 27.84
CA LEU B 433 3.70 13.55 28.32
C LEU B 433 3.19 14.59 29.30
N ASN B 434 4.05 15.05 30.20
CA ASN B 434 3.66 16.07 31.17
C ASN B 434 3.26 17.36 30.46
N LEU B 435 4.03 17.76 29.44
CA LEU B 435 3.68 18.95 28.67
C LEU B 435 2.35 18.78 27.96
N ALA B 436 2.11 17.58 27.40
CA ALA B 436 0.85 17.36 26.69
C ALA B 436 -0.34 17.26 27.63
N ILE B 437 -0.11 16.93 28.91
CA ILE B 437 -1.21 16.86 29.86
C ILE B 437 -1.78 18.25 30.13
N SER B 438 -0.90 19.22 30.38
CA SER B 438 -1.33 20.58 30.72
C SER B 438 -1.72 21.32 29.44
N ASN B 439 -2.95 21.09 29.02
CA ASN B 439 -3.50 21.78 27.86
C ASN B 439 -5.02 21.81 27.98
N ALA B 440 -5.60 22.96 27.66
CA ALA B 440 -7.04 23.16 27.84
C ALA B 440 -7.87 22.38 26.83
N PHE B 441 -7.27 21.89 25.75
CA PHE B 441 -8.02 21.20 24.72
C PHE B 441 -8.22 19.72 25.02
N GLY B 442 -7.72 19.24 26.16
CA GLY B 442 -7.95 17.86 26.54
C GLY B 442 -9.43 17.61 26.81
N THR B 443 -9.86 16.38 26.48
CA THR B 443 -11.27 16.00 26.57
C THR B 443 -11.59 15.42 27.96
N GLN B 444 -10.86 15.87 28.98
CA GLN B 444 -10.99 15.48 30.39
C GLN B 444 -10.83 13.98 30.59
N MET B 445 -10.54 13.27 29.50
CA MET B 445 -10.21 11.85 29.52
C MET B 445 -8.91 11.57 28.78
N HIS B 446 -8.56 12.39 27.78
CA HIS B 446 -7.24 12.33 27.19
C HIS B 446 -6.15 12.56 28.24
N THR B 447 -6.40 13.49 29.17
CA THR B 447 -5.47 13.67 30.28
C THR B 447 -5.39 12.41 31.13
N ARG B 448 -6.52 11.74 31.34
CA ARG B 448 -6.51 10.48 32.08
C ARG B 448 -5.69 9.41 31.36
N ARG B 449 -5.84 9.32 30.04
CA ARG B 449 -5.07 8.35 29.28
C ARG B 449 -3.58 8.66 29.34
N LEU B 450 -3.21 9.93 29.23
CA LEU B 450 -1.79 10.29 29.33
C LEU B 450 -1.24 10.01 30.72
N VAL B 451 -2.02 10.28 31.77
CA VAL B 451 -1.59 9.99 33.12
C VAL B 451 -1.37 8.48 33.30
N ARG B 452 -2.31 7.67 32.79
CA ARG B 452 -2.17 6.22 32.90
C ARG B 452 -0.95 5.73 32.14
N SER B 453 -0.71 6.28 30.94
CA SER B 453 0.43 5.87 30.13
C SER B 453 1.75 6.46 30.63
N LYS B 454 1.72 7.38 31.58
CA LYS B 454 2.95 7.97 32.08
C LYS B 454 3.82 6.98 32.85
N THR B 455 3.25 5.87 33.33
CA THR B 455 4.01 4.94 34.15
C THR B 455 4.10 3.56 33.50
N VAL B 456 4.38 3.51 32.21
CA VAL B 456 4.52 2.25 31.49
C VAL B 456 5.46 2.46 30.31
N HIS B 457 6.15 1.40 29.92
CA HIS B 457 7.10 1.49 28.81
C HIS B 457 6.36 1.71 27.50
N PRO B 458 6.78 2.68 26.69
CA PRO B 458 6.11 2.90 25.40
C PRO B 458 6.35 1.74 24.45
N ILE B 459 5.35 1.52 23.58
CA ILE B 459 5.41 0.39 22.67
C ILE B 459 6.37 0.69 21.52
N TYR B 460 7.26 -0.26 21.25
CA TYR B 460 8.11 -0.20 20.08
C TYR B 460 7.30 -0.61 18.85
N LEU B 461 7.36 0.20 17.80
CA LEU B 461 6.56 -0.04 16.60
C LEU B 461 7.43 -0.13 15.35
N GLY B 462 8.68 -0.51 15.50
CA GLY B 462 9.56 -0.76 14.37
C GLY B 462 10.58 0.33 14.17
N SER B 463 11.41 0.12 13.15
CA SER B 463 12.50 1.02 12.80
C SER B 463 12.47 1.32 11.32
N LEU B 464 12.88 2.54 10.97
CA LEU B 464 13.00 2.97 9.58
C LEU B 464 14.43 3.45 9.33
N HIS B 465 14.97 3.08 8.18
CA HIS B 465 16.32 3.46 7.81
C HIS B 465 16.32 4.02 6.39
N TYR B 466 17.20 5.00 6.16
CA TYR B 466 17.25 5.68 4.88
C TYR B 466 18.70 6.09 4.63
N ASP B 467 18.91 6.99 3.67
CA ASP B 467 20.25 7.43 3.26
C ASP B 467 20.37 8.96 3.34
N ILE B 468 20.66 9.46 4.54
CA ILE B 468 20.70 10.90 4.77
C ILE B 468 21.57 11.16 6.00
N SER B 469 22.35 12.23 5.95
CA SER B 469 23.22 12.59 7.06
C SER B 469 22.39 12.97 8.28
N PHE B 470 22.94 12.69 9.48
CA PHE B 470 22.21 12.94 10.71
C PHE B 470 21.98 14.43 10.93
N SER B 471 22.96 15.26 10.57
CA SER B 471 22.79 16.70 10.72
C SER B 471 21.63 17.21 9.88
N ASP B 472 21.43 16.60 8.70
CA ASP B 472 20.28 16.95 7.87
C ASP B 472 18.97 16.63 8.57
N LEU B 473 18.89 15.47 9.23
CA LEU B 473 17.69 15.11 9.97
C LEU B 473 17.45 16.07 11.14
N ARG B 474 18.52 16.45 11.84
CA ARG B 474 18.38 17.42 12.92
C ARG B 474 17.85 18.74 12.40
N GLY B 475 18.40 19.22 11.28
CA GLY B 475 17.92 20.46 10.70
C GLY B 475 16.47 20.37 10.26
N ASN B 476 16.08 19.23 9.68
CA ASN B 476 14.70 19.05 9.24
C ASN B 476 13.75 19.06 10.42
N ALA B 477 14.11 18.37 11.51
CA ALA B 477 13.24 18.36 12.69
C ALA B 477 13.10 19.75 13.28
N GLN B 478 14.23 20.47 13.41
CA GLN B 478 14.17 21.82 13.96
C GLN B 478 13.37 22.75 13.07
N ARG B 479 13.46 22.56 11.75
CA ARG B 479 12.64 23.35 10.83
C ARG B 479 11.17 23.04 11.01
N ILE B 480 10.83 21.76 11.20
CA ILE B 480 9.43 21.39 11.43
C ILE B 480 8.91 22.06 12.69
N VAL B 481 9.75 22.17 13.72
CA VAL B 481 9.27 22.64 15.01
C VAL B 481 8.85 24.10 14.96
N TYR B 482 9.68 24.98 14.39
CA TYR B 482 9.41 26.41 14.48
C TYR B 482 9.10 27.04 13.12
N ASP B 483 8.46 26.30 12.22
CA ASP B 483 7.96 26.85 10.97
C ASP B 483 6.44 26.84 11.00
N ASP B 484 5.83 27.99 10.74
CA ASP B 484 4.39 28.11 10.92
C ASP B 484 3.63 27.52 9.73
N GLU B 485 3.99 27.88 8.50
CA GLU B 485 3.22 27.40 7.35
C GLU B 485 3.48 25.92 7.08
N LEU B 486 4.65 25.41 7.47
CA LEU B 486 4.90 23.98 7.33
C LEU B 486 3.91 23.18 8.19
N GLN B 487 3.66 23.65 9.41
CA GLN B 487 2.63 23.02 10.23
C GLN B 487 1.22 23.39 9.80
N MET B 488 1.04 24.50 9.09
CA MET B 488 -0.26 24.78 8.50
C MET B 488 -0.58 23.79 7.38
N HIS B 489 0.45 23.28 6.71
CA HIS B 489 0.25 22.33 5.62
C HIS B 489 0.22 20.88 6.09
N ILE B 490 1.30 20.42 6.72
CA ILE B 490 1.41 19.00 7.06
C ILE B 490 0.63 18.63 8.31
N LEU B 491 0.17 19.61 9.10
CA LEU B 491 -0.55 19.31 10.34
C LEU B 491 -2.00 19.77 10.27
N ARG B 492 -2.63 19.55 9.11
CA ARG B 492 -4.07 19.74 8.96
C ARG B 492 -4.58 18.72 7.97
N GLY B 493 -5.46 17.82 8.42
CA GLY B 493 -6.00 16.79 7.56
C GLY B 493 -6.28 15.50 8.29
N PRO B 494 -6.63 14.45 7.54
CA PRO B 494 -6.91 13.16 8.17
C PRO B 494 -5.67 12.57 8.82
N ILE B 495 -5.91 11.78 9.86
CA ILE B 495 -4.81 11.36 10.75
C ILE B 495 -3.80 10.49 10.01
N HIS B 496 -4.27 9.67 9.06
CA HIS B 496 -3.36 8.90 8.23
C HIS B 496 -2.52 9.82 7.35
N PHE B 497 -3.17 10.79 6.73
CA PHE B 497 -2.45 11.83 5.99
C PHE B 497 -1.54 12.62 6.90
N GLN B 498 -1.97 12.85 8.15
CA GLN B 498 -1.13 13.53 9.12
C GLN B 498 0.19 12.80 9.32
N ARG B 499 0.11 11.50 9.64
CA ARG B 499 1.33 10.74 9.91
C ARG B 499 2.21 10.62 8.68
N ARG B 500 1.59 10.38 7.51
CA ARG B 500 2.38 10.27 6.28
C ARG B 500 3.10 11.57 5.97
N ALA B 501 2.40 12.71 6.11
CA ALA B 501 3.02 14.00 5.84
C ALA B 501 4.14 14.29 6.83
N ILE B 502 3.95 13.92 8.10
CA ILE B 502 5.01 14.14 9.08
C ILE B 502 6.25 13.33 8.72
N LEU B 503 6.07 12.06 8.38
CA LEU B 503 7.24 11.26 8.02
C LEU B 503 7.93 11.80 6.77
N GLY B 504 7.13 12.21 5.77
CA GLY B 504 7.73 12.78 4.57
C GLY B 504 8.49 14.06 4.83
N ALA B 505 7.93 14.93 5.68
CA ALA B 505 8.60 16.18 6.01
C ALA B 505 9.89 15.92 6.79
N LEU B 506 9.87 14.94 7.69
CA LEU B 506 11.07 14.59 8.42
C LEU B 506 12.15 14.06 7.47
N LYS B 507 11.75 13.21 6.52
CA LYS B 507 12.75 12.57 5.65
C LYS B 507 13.31 13.54 4.62
N PHE B 508 12.46 14.36 4.02
CA PHE B 508 12.88 15.21 2.90
C PHE B 508 13.05 16.67 3.27
N GLY B 509 12.57 17.11 4.42
CA GLY B 509 12.72 18.51 4.79
C GLY B 509 11.70 19.39 4.09
N CYS B 510 12.07 20.67 3.98
CA CYS B 510 11.18 21.68 3.41
C CYS B 510 10.95 21.47 1.91
N LYS B 511 11.73 20.61 1.26
CA LYS B 511 11.56 20.34 -0.16
C LYS B 511 10.26 19.62 -0.49
N VAL B 512 9.54 19.13 0.52
CA VAL B 512 8.26 18.45 0.28
C VAL B 512 7.21 19.43 -0.24
N LEU B 513 7.42 20.73 -0.06
CA LEU B 513 6.51 21.76 -0.55
C LEU B 513 7.28 22.60 -1.58
N GLY B 514 7.22 22.16 -2.84
CA GLY B 514 7.90 22.88 -3.91
C GLY B 514 9.36 22.52 -4.03
N THR C 61 12.78 3.99 28.72
CA THR C 61 12.28 2.75 28.15
C THR C 61 13.25 1.65 28.56
N GLY C 62 13.26 1.33 29.85
CA GLY C 62 14.15 0.30 30.36
C GLY C 62 13.56 -1.09 30.46
N GLU C 63 13.74 -1.92 29.44
CA GLU C 63 13.40 -3.34 29.52
C GLU C 63 14.46 -4.13 28.78
N SER C 64 15.21 -4.95 29.52
CA SER C 64 16.40 -5.61 28.99
C SER C 64 16.17 -6.57 27.82
N TYR C 65 15.47 -7.68 28.08
CA TYR C 65 15.35 -8.78 27.14
C TYR C 65 13.91 -9.04 26.70
N GLY C 66 13.01 -9.31 27.64
CA GLY C 66 11.77 -10.02 27.38
C GLY C 66 10.80 -9.27 26.50
N GLU C 67 10.29 -8.15 26.97
CA GLU C 67 9.31 -7.39 26.20
C GLU C 67 9.89 -6.99 24.85
N SER C 68 11.18 -6.64 24.82
CA SER C 68 11.81 -6.26 23.57
C SER C 68 11.78 -7.40 22.56
N VAL C 69 12.22 -8.60 22.95
CA VAL C 69 12.25 -9.69 21.97
C VAL C 69 10.84 -10.11 21.56
N LYS C 70 9.87 -10.11 22.49
CA LYS C 70 8.51 -10.45 22.09
C LYS C 70 7.94 -9.43 21.11
N GLN C 71 8.14 -8.14 21.35
CA GLN C 71 7.63 -7.17 20.40
C GLN C 71 8.37 -7.25 19.07
N ALA C 72 9.66 -7.56 19.09
CA ALA C 72 10.39 -7.77 17.84
C ALA C 72 9.77 -8.91 17.02
N VAL C 73 9.58 -10.07 17.64
CA VAL C 73 9.01 -11.20 16.90
C VAL C 73 7.60 -10.89 16.43
N LEU C 74 6.79 -10.20 17.26
CA LEU C 74 5.46 -9.83 16.84
C LEU C 74 5.49 -8.91 15.62
N LEU C 75 6.40 -7.93 15.61
CA LEU C 75 6.50 -7.05 14.45
C LEU C 75 6.92 -7.83 13.21
N ASN C 76 7.88 -8.76 13.37
CA ASN C 76 8.30 -9.57 12.23
C ASN C 76 7.16 -10.46 11.70
N VAL C 77 6.30 -10.97 12.57
CA VAL C 77 5.15 -11.70 12.05
C VAL C 77 4.17 -10.75 11.36
N LEU C 78 4.04 -9.53 11.86
CA LEU C 78 3.12 -8.55 11.28
C LEU C 78 3.77 -7.63 10.26
N GLY C 79 5.04 -7.85 9.94
CA GLY C 79 5.75 -7.03 8.99
C GLY C 79 5.64 -7.47 7.55
N SER C 80 4.74 -8.40 7.24
CA SER C 80 4.58 -8.93 5.90
C SER C 80 3.22 -8.49 5.36
N GLY C 81 3.20 -8.08 4.10
CA GLY C 81 1.97 -7.67 3.44
C GLY C 81 1.18 -8.74 2.73
N GLU C 82 1.57 -10.01 2.86
CA GLU C 82 0.80 -11.09 2.25
C GLU C 82 -0.20 -11.72 3.21
N GLU C 83 0.06 -11.71 4.52
CA GLU C 83 -0.69 -12.49 5.48
C GLU C 83 -1.38 -11.57 6.48
N ILE C 84 -2.37 -12.13 7.17
CA ILE C 84 -3.07 -11.51 8.30
C ILE C 84 -3.64 -10.15 7.89
N PRO C 85 -4.71 -10.12 7.09
CA PRO C 85 -5.36 -8.85 6.77
C PRO C 85 -6.15 -8.32 7.95
N ASP C 86 -6.45 -7.03 7.91
CA ASP C 86 -7.33 -6.44 8.90
C ASP C 86 -8.75 -6.97 8.70
N PRO C 87 -9.30 -7.74 9.65
CA PRO C 87 -10.64 -8.32 9.41
C PRO C 87 -11.74 -7.28 9.22
N LEU C 88 -11.63 -6.13 9.88
CA LEU C 88 -12.71 -5.15 9.83
C LEU C 88 -12.83 -4.50 8.46
N SER C 89 -11.74 -4.45 7.70
CA SER C 89 -11.68 -3.68 6.45
C SER C 89 -11.49 -4.60 5.26
N PRO C 90 -12.56 -4.88 4.50
CA PRO C 90 -12.41 -5.73 3.30
C PRO C 90 -11.51 -5.15 2.22
N GLY C 91 -11.24 -3.84 2.23
CA GLY C 91 -10.30 -3.29 1.26
C GLY C 91 -8.90 -3.81 1.44
N GLU C 92 -8.43 -3.89 2.68
CA GLU C 92 -7.12 -4.49 2.94
C GLU C 92 -7.09 -5.95 2.53
N ARG C 93 -8.19 -6.67 2.80
CA ARG C 93 -8.27 -8.07 2.38
C ARG C 93 -8.17 -8.21 0.87
N GLY C 94 -8.86 -7.33 0.14
CA GLY C 94 -8.76 -7.36 -1.32
C GLY C 94 -7.37 -7.05 -1.81
N ILE C 95 -6.72 -6.05 -1.20
CA ILE C 95 -5.35 -5.70 -1.58
C ILE C 95 -4.43 -6.90 -1.37
N GLN C 96 -4.55 -7.56 -0.20
CA GLN C 96 -3.67 -8.69 0.09
C GLN C 96 -3.96 -9.87 -0.84
N ALA C 97 -5.23 -10.11 -1.17
CA ALA C 97 -5.55 -11.20 -2.07
C ALA C 97 -5.00 -10.94 -3.47
N LYS C 98 -5.13 -9.71 -3.96
CA LYS C 98 -4.56 -9.38 -5.27
C LYS C 98 -3.03 -9.46 -5.25
N LEU C 99 -2.40 -9.07 -4.15
CA LEU C 99 -0.96 -9.18 -4.04
C LEU C 99 -0.50 -10.63 -4.06
N LYS C 100 -1.21 -11.50 -3.34
CA LYS C 100 -0.93 -12.93 -3.39
C LYS C 100 -1.12 -13.48 -4.80
N GLU C 101 -2.19 -13.08 -5.46
CA GLU C 101 -2.43 -13.55 -6.82
C GLU C 101 -1.32 -13.13 -7.76
N LEU C 102 -0.86 -11.87 -7.66
CA LEU C 102 0.22 -11.44 -8.52
C LEU C 102 1.53 -12.18 -8.25
N GLU C 103 1.90 -12.35 -6.96
CA GLU C 103 3.10 -13.14 -6.66
C GLU C 103 3.03 -14.55 -7.26
N ASP C 104 1.92 -15.27 -7.00
CA ASP C 104 1.87 -16.66 -7.44
C ASP C 104 1.88 -16.76 -8.97
N GLU C 105 1.05 -15.96 -9.64
CA GLU C 105 0.98 -16.10 -11.10
C GLU C 105 2.25 -15.60 -11.77
N GLN C 106 2.94 -14.62 -11.18
CA GLN C 106 4.19 -14.20 -11.79
C GLN C 106 5.32 -15.19 -11.53
N ARG C 107 5.28 -15.93 -10.41
CA ARG C 107 6.26 -17.00 -10.27
C ARG C 107 5.99 -18.14 -11.23
N ASN C 108 4.71 -18.44 -11.48
CA ASN C 108 4.36 -19.44 -12.50
C ASN C 108 4.83 -19.01 -13.88
N GLU C 109 4.55 -17.76 -14.26
CA GLU C 109 5.01 -17.25 -15.55
C GLU C 109 6.52 -17.21 -15.62
N LEU C 110 7.20 -16.99 -14.49
CA LEU C 110 8.66 -16.96 -14.53
C LEU C 110 9.24 -18.34 -14.74
N VAL C 111 8.70 -19.36 -14.06
CA VAL C 111 9.23 -20.70 -14.28
C VAL C 111 8.91 -21.21 -15.68
N ARG C 112 7.71 -20.92 -16.20
CA ARG C 112 7.42 -21.29 -17.58
C ARG C 112 8.29 -20.54 -18.59
N LEU C 113 8.57 -19.26 -18.29
CA LEU C 113 9.42 -18.41 -19.17
C LEU C 113 10.84 -18.99 -19.21
N LYS C 114 11.38 -19.36 -18.05
CA LYS C 114 12.73 -19.92 -17.96
C LYS C 114 12.81 -21.26 -18.67
N TYR C 115 11.81 -22.13 -18.47
CA TYR C 115 11.90 -23.44 -19.11
C TYR C 115 11.72 -23.36 -20.62
N ASN C 116 10.82 -22.50 -21.10
CA ASN C 116 10.71 -22.31 -22.54
C ASN C 116 11.95 -21.67 -23.14
N ASP C 117 12.57 -20.71 -22.43
CA ASP C 117 13.81 -20.12 -22.90
C ASP C 117 14.92 -21.16 -23.00
N LYS C 118 15.05 -22.02 -21.99
CA LYS C 118 16.12 -23.00 -22.01
C LYS C 118 15.88 -24.07 -23.08
N ILE C 119 14.62 -24.46 -23.30
CA ILE C 119 14.35 -25.42 -24.37
C ILE C 119 14.60 -24.79 -25.73
N LYS C 120 14.24 -23.51 -25.90
CA LYS C 120 14.53 -22.82 -27.15
C LYS C 120 16.04 -22.71 -27.37
N GLU C 121 16.80 -22.42 -26.31
CA GLU C 121 18.25 -22.35 -26.45
C GLU C 121 18.85 -23.69 -26.82
N LYS C 122 18.33 -24.78 -26.24
CA LYS C 122 18.82 -26.10 -26.60
C LYS C 122 18.51 -26.42 -28.06
N PHE C 123 17.30 -26.12 -28.50
CA PHE C 123 16.92 -26.34 -29.89
C PHE C 123 17.77 -25.51 -30.83
N GLY C 124 18.01 -24.24 -30.49
CA GLY C 124 18.86 -23.40 -31.31
C GLY C 124 20.29 -23.88 -31.35
N LYS C 125 20.80 -24.43 -30.25
CA LYS C 125 22.15 -24.98 -30.25
C LYS C 125 22.24 -26.19 -31.18
N GLU C 126 21.23 -27.07 -31.11
CA GLU C 126 21.17 -28.21 -32.03
C GLU C 126 21.10 -27.75 -33.47
N LEU C 127 20.27 -26.73 -33.74
CA LEU C 127 20.12 -26.19 -35.09
C LEU C 127 21.43 -25.59 -35.58
N GLU C 128 22.14 -24.87 -34.71
CA GLU C 128 23.40 -24.25 -35.10
C GLU C 128 24.45 -25.31 -35.39
N GLU C 129 24.50 -26.37 -34.59
CA GLU C 129 25.42 -27.47 -34.88
C GLU C 129 25.09 -28.11 -36.23
N VAL C 130 23.81 -28.33 -36.51
CA VAL C 130 23.38 -28.88 -37.80
C VAL C 130 23.80 -27.95 -38.93
N TYR C 131 23.60 -26.64 -38.74
CA TYR C 131 23.90 -25.65 -39.77
C TYR C 131 25.40 -25.60 -40.05
N ASN C 132 26.21 -25.67 -38.99
CA ASN C 132 27.65 -25.50 -39.11
C ASN C 132 28.38 -26.81 -39.42
N PHE C 133 27.67 -27.94 -39.43
CA PHE C 133 28.26 -29.19 -39.87
C PHE C 133 27.52 -29.79 -41.05
N MET C 134 26.55 -29.08 -41.61
CA MET C 134 25.81 -29.59 -42.76
C MET C 134 26.66 -29.56 -44.03
N ASN C 135 27.36 -28.46 -44.26
CA ASN C 135 28.20 -28.30 -45.44
C ASN C 135 29.36 -27.33 -45.17
N ILE C 320 27.87 -34.79 -33.95
CA ILE C 320 26.78 -34.13 -33.25
C ILE C 320 25.72 -35.14 -32.85
N LYS C 321 26.02 -36.43 -33.06
CA LYS C 321 25.09 -37.49 -32.67
C LYS C 321 25.03 -37.62 -31.15
N ASN C 322 26.19 -37.63 -30.50
CA ASN C 322 26.21 -37.63 -29.04
C ASN C 322 25.58 -36.37 -28.47
N GLU C 323 25.63 -35.27 -29.22
CA GLU C 323 24.92 -34.06 -28.82
C GLU C 323 23.43 -34.19 -29.10
N ILE C 324 23.06 -34.84 -30.21
CA ILE C 324 21.65 -34.99 -30.56
C ILE C 324 20.93 -35.84 -29.53
N LEU C 325 21.54 -36.96 -29.12
CA LEU C 325 20.95 -37.75 -28.04
C LEU C 325 20.88 -36.97 -26.74
N PRO C 326 21.94 -36.28 -26.31
CA PRO C 326 21.82 -35.48 -25.08
C PRO C 326 20.79 -34.38 -25.23
N ARG C 327 20.67 -33.82 -26.44
CA ARG C 327 19.66 -32.81 -26.69
C ARG C 327 18.26 -33.39 -26.55
N PHE C 328 18.04 -34.61 -27.05
CA PHE C 328 16.73 -35.25 -26.89
C PHE C 328 16.43 -35.53 -25.43
N LYS C 329 17.44 -35.99 -24.67
CA LYS C 329 17.23 -36.23 -23.24
C LYS C 329 16.87 -34.93 -22.52
N LYS C 330 17.60 -33.85 -22.82
CA LYS C 330 17.33 -32.55 -22.23
C LYS C 330 15.94 -32.06 -22.61
N ALA C 331 15.56 -32.24 -23.89
CA ALA C 331 14.25 -31.81 -24.33
C ALA C 331 13.14 -32.57 -23.61
N MET C 332 13.30 -33.87 -23.42
CA MET C 332 12.30 -34.63 -22.68
C MET C 332 12.21 -34.16 -21.23
N ASP C 333 13.37 -33.91 -20.62
CA ASP C 333 13.39 -33.41 -19.24
C ASP C 333 12.73 -32.05 -19.14
N GLU C 334 13.01 -31.17 -20.10
CA GLU C 334 12.44 -29.83 -20.10
C GLU C 334 10.94 -29.87 -20.36
N GLU C 335 10.48 -30.77 -21.22
CA GLU C 335 9.05 -30.90 -21.43
C GLU C 335 8.36 -31.40 -20.16
N LYS C 336 8.99 -32.34 -19.44
CA LYS C 336 8.42 -32.76 -18.17
C LYS C 336 8.38 -31.63 -17.16
N GLU C 337 9.47 -30.85 -17.09
CA GLU C 337 9.53 -29.72 -16.17
C GLU C 337 8.48 -28.66 -16.51
N ILE C 338 8.32 -28.35 -17.80
CA ILE C 338 7.38 -27.35 -18.28
C ILE C 338 5.95 -27.87 -18.39
N CYS C 339 5.72 -29.15 -18.11
CA CYS C 339 4.36 -29.67 -18.18
C CYS C 339 3.51 -29.11 -17.05
N GLY C 340 4.11 -28.89 -15.89
CA GLY C 340 3.35 -28.38 -14.75
C GLY C 340 3.29 -26.87 -14.78
N ILE C 341 3.24 -26.30 -15.99
CA ILE C 341 3.15 -24.85 -16.15
C ILE C 341 1.70 -24.37 -16.14
N GLU C 342 0.73 -25.26 -16.34
CA GLU C 342 -0.69 -24.96 -16.28
C GLU C 342 -1.21 -24.85 -14.86
N ASP C 343 -0.28 -24.77 -13.92
CA ASP C 343 -0.59 -24.61 -12.50
C ASP C 343 -1.33 -25.82 -11.94
N LYS C 344 -0.95 -27.02 -12.38
CA LYS C 344 -1.64 -28.22 -11.93
C LYS C 344 -1.00 -28.79 -10.68
N VAL C 345 -0.32 -27.95 -9.91
CA VAL C 345 0.39 -28.33 -8.68
C VAL C 345 -0.66 -28.30 -7.57
N ILE C 346 -1.16 -29.46 -7.15
CA ILE C 346 -2.05 -29.49 -6.02
C ILE C 346 -1.41 -30.14 -4.79
N HIS C 347 -0.29 -30.84 -4.94
CA HIS C 347 0.33 -31.43 -3.74
C HIS C 347 0.77 -30.34 -2.78
N PRO C 348 1.48 -29.29 -3.22
CA PRO C 348 1.80 -28.18 -2.31
C PRO C 348 0.57 -27.49 -1.76
N LYS C 349 -0.49 -27.35 -2.57
CA LYS C 349 -1.77 -26.83 -2.13
C LYS C 349 -2.48 -27.71 -1.12
N VAL C 350 -2.42 -29.04 -1.28
CA VAL C 350 -3.08 -29.92 -0.34
C VAL C 350 -2.19 -30.32 0.82
N MET C 351 -0.90 -29.93 0.80
CA MET C 351 -0.01 -30.30 1.90
C MET C 351 -0.51 -29.75 3.22
N MET C 352 -1.15 -28.57 3.20
CA MET C 352 -1.75 -28.03 4.41
C MET C 352 -3.14 -28.58 4.68
N LYS C 353 -3.70 -29.37 3.76
CA LYS C 353 -5.00 -30.00 3.92
C LYS C 353 -4.88 -31.44 4.39
N PHE C 354 -3.89 -31.76 5.23
CA PHE C 354 -3.72 -33.14 5.67
C PHE C 354 -4.92 -33.64 6.45
N LYS C 355 -5.46 -32.82 7.36
CA LYS C 355 -6.68 -33.16 8.06
C LYS C 355 -7.82 -32.17 7.89
N ILE C 356 -7.60 -31.01 7.28
CA ILE C 356 -8.66 -30.01 7.18
C ILE C 356 -8.90 -29.63 5.71
N PRO C 357 -9.69 -30.39 4.96
CA PRO C 357 -9.95 -30.02 3.56
C PRO C 357 -11.06 -28.98 3.49
N ARG C 358 -11.46 -28.65 2.27
CA ARG C 358 -12.57 -27.71 2.09
C ARG C 358 -13.89 -28.34 2.52
N ALA C 359 -14.89 -27.47 2.76
CA ALA C 359 -16.25 -27.81 3.22
C ALA C 359 -16.21 -28.45 4.60
N GLN C 360 -15.01 -28.58 5.13
CA GLN C 360 -14.70 -28.95 6.49
C GLN C 360 -13.88 -27.90 7.21
N GLN C 361 -13.32 -26.94 6.47
CA GLN C 361 -12.60 -25.83 7.06
C GLN C 361 -13.54 -24.99 7.93
N PRO C 362 -13.20 -24.72 9.20
CA PRO C 362 -14.07 -23.90 10.06
C PRO C 362 -14.29 -22.50 9.51
N GLN C 363 -15.51 -21.98 9.73
CA GLN C 363 -15.84 -20.62 9.31
C GLN C 363 -15.75 -19.64 10.48
N ILE C 364 -15.41 -18.39 10.17
CA ILE C 364 -15.28 -17.33 11.16
C ILE C 364 -16.07 -16.15 10.62
N HIS C 365 -17.03 -15.63 11.40
CA HIS C 365 -17.80 -14.48 10.94
C HIS C 365 -17.41 -13.24 11.73
N VAL C 366 -17.12 -12.14 11.02
CA VAL C 366 -16.72 -10.90 11.67
C VAL C 366 -17.95 -10.00 11.79
N TYR C 367 -18.21 -9.51 13.00
CA TYR C 367 -19.34 -8.66 13.26
C TYR C 367 -18.85 -7.42 14.00
N SER C 368 -19.61 -6.33 13.86
CA SER C 368 -19.24 -5.06 14.45
C SER C 368 -20.48 -4.33 14.91
N ALA C 369 -20.35 -3.59 16.02
CA ALA C 369 -21.46 -2.77 16.46
C ALA C 369 -21.66 -1.62 15.47
N PRO C 370 -22.90 -1.16 15.29
CA PRO C 370 -23.16 -0.20 14.21
C PRO C 370 -22.55 1.19 14.38
N TRP C 371 -22.19 1.62 15.59
CA TRP C 371 -21.88 3.03 15.81
C TRP C 371 -20.41 3.30 16.15
N ASP C 372 -19.90 2.73 17.23
CA ASP C 372 -18.47 2.85 17.54
C ASP C 372 -17.74 1.62 17.03
N SER C 373 -17.93 1.40 15.73
CA SER C 373 -17.54 0.16 15.07
C SER C 373 -16.03 -0.05 15.08
N ASP C 374 -15.27 1.04 14.94
CA ASP C 374 -13.81 0.91 14.87
C ASP C 374 -13.20 0.35 16.15
N ASP C 375 -13.87 0.51 17.28
CA ASP C 375 -13.30 0.11 18.56
C ASP C 375 -13.88 -1.19 19.11
N VAL C 376 -15.11 -1.54 18.75
CA VAL C 376 -15.79 -2.71 19.28
C VAL C 376 -16.19 -3.62 18.14
N PHE C 377 -15.91 -4.92 18.28
CA PHE C 377 -16.28 -5.90 17.28
C PHE C 377 -16.20 -7.27 17.92
N PHE C 378 -16.63 -8.29 17.17
CA PHE C 378 -16.54 -9.64 17.70
C PHE C 378 -16.55 -10.67 16.57
N PHE C 379 -16.15 -11.87 16.94
CA PHE C 379 -16.09 -13.01 16.05
C PHE C 379 -17.09 -14.05 16.52
N HIS C 380 -17.87 -14.56 15.58
CA HIS C 380 -18.75 -15.71 15.76
C HIS C 380 -18.08 -16.85 15.02
N CYS C 381 -17.57 -17.84 15.76
CA CYS C 381 -16.79 -18.89 15.14
C CYS C 381 -17.60 -20.17 15.12
N ILE C 382 -17.83 -20.68 13.90
CA ILE C 382 -18.66 -21.86 13.67
C ILE C 382 -17.79 -22.96 13.07
N SER C 383 -17.98 -24.18 13.57
CA SER C 383 -17.22 -25.32 13.11
C SER C 383 -18.06 -26.10 12.10
N HIS C 384 -17.40 -26.76 11.17
CA HIS C 384 -18.09 -27.63 10.25
C HIS C 384 -17.85 -29.08 10.64
N HIS C 385 -18.52 -29.99 9.92
CA HIS C 385 -18.46 -31.43 10.14
C HIS C 385 -18.91 -31.84 11.55
N HIS C 386 -19.35 -30.86 12.35
CA HIS C 386 -20.05 -31.06 13.61
C HIS C 386 -21.42 -30.39 13.61
N ALA C 387 -21.50 -29.14 13.17
CA ALA C 387 -22.72 -28.33 13.18
C ALA C 387 -23.33 -28.18 14.58
N ASN C 388 -22.56 -28.42 15.64
CA ASN C 388 -23.07 -28.23 16.99
C ASN C 388 -22.17 -27.41 17.90
N GLU C 389 -20.94 -27.11 17.51
CA GLU C 389 -19.99 -26.40 18.36
C GLU C 389 -19.71 -25.03 17.76
N SER C 390 -19.70 -24.00 18.61
CA SER C 390 -19.46 -22.64 18.15
C SER C 390 -19.15 -21.77 19.35
N PHE C 391 -18.51 -20.63 19.10
CA PHE C 391 -18.23 -19.72 20.21
C PHE C 391 -18.23 -18.27 19.78
N PHE C 392 -18.17 -17.40 20.78
CA PHE C 392 -18.30 -15.96 20.70
C PHE C 392 -17.07 -15.33 21.32
N LEU C 393 -16.41 -14.42 20.60
CA LEU C 393 -15.25 -13.70 21.12
C LEU C 393 -15.38 -12.21 20.81
N GLY C 394 -15.60 -11.40 21.85
CA GLY C 394 -15.86 -9.99 21.67
C GLY C 394 -14.82 -9.05 22.26
N PHE C 395 -14.30 -8.13 21.45
CA PHE C 395 -13.28 -7.18 21.87
C PHE C 395 -13.82 -5.76 21.78
N ASP C 396 -13.77 -5.05 22.90
CA ASP C 396 -13.91 -3.60 22.96
C ASP C 396 -12.53 -3.02 23.20
N LEU C 397 -11.92 -2.45 22.17
CA LEU C 397 -10.49 -2.15 22.22
C LEU C 397 -10.17 -0.90 23.01
N SER C 398 -11.05 0.11 22.95
CA SER C 398 -10.77 1.37 23.64
C SER C 398 -10.69 1.17 25.13
N ILE C 399 -11.60 0.35 25.69
CA ILE C 399 -11.70 0.19 27.13
C ILE C 399 -10.82 -0.97 27.63
N ASP C 400 -10.19 -1.72 26.72
CA ASP C 400 -9.49 -2.96 27.03
C ASP C 400 -10.43 -3.99 27.65
N LEU C 401 -11.41 -4.43 26.86
CA LEU C 401 -12.41 -5.39 27.30
C LEU C 401 -12.44 -6.58 26.35
N VAL C 402 -12.29 -7.78 26.91
CA VAL C 402 -12.34 -9.02 26.13
C VAL C 402 -13.33 -9.96 26.79
N HIS C 403 -14.20 -10.57 25.98
CA HIS C 403 -15.22 -11.49 26.48
C HIS C 403 -15.26 -12.75 25.63
N TYR C 404 -15.34 -13.90 26.29
CA TYR C 404 -15.46 -15.18 25.60
C TYR C 404 -16.66 -15.97 26.12
N GLU C 405 -17.48 -16.47 25.20
CA GLU C 405 -18.66 -17.26 25.56
C GLU C 405 -18.80 -18.43 24.60
N ASP C 406 -19.41 -19.50 25.07
CA ASP C 406 -19.44 -20.78 24.37
C ASP C 406 -20.88 -21.06 23.95
N LEU C 407 -21.16 -21.03 22.66
CA LEU C 407 -22.52 -21.13 22.14
C LEU C 407 -22.85 -22.53 21.67
N THR C 408 -22.31 -23.55 22.34
CA THR C 408 -22.54 -24.94 21.94
C THR C 408 -23.93 -25.37 22.38
N ALA C 409 -24.72 -25.85 21.44
CA ALA C 409 -26.08 -26.32 21.73
C ALA C 409 -26.10 -27.84 21.74
N HIS C 410 -27.14 -28.39 22.38
CA HIS C 410 -27.22 -29.81 22.60
C HIS C 410 -28.68 -30.20 22.83
N TRP C 411 -28.95 -31.49 22.64
CA TRP C 411 -30.30 -32.01 22.84
C TRP C 411 -30.78 -31.83 24.27
N HIS C 412 -32.07 -31.54 24.42
CA HIS C 412 -32.66 -31.36 25.73
C HIS C 412 -34.12 -31.80 25.66
N ALA C 413 -34.62 -32.28 26.78
CA ALA C 413 -36.01 -32.75 26.89
C ALA C 413 -36.84 -31.70 27.61
N LEU C 414 -37.93 -31.26 26.98
CA LEU C 414 -38.82 -30.27 27.55
C LEU C 414 -40.23 -30.87 27.57
N GLY C 415 -40.63 -31.39 28.73
CA GLY C 415 -41.90 -32.09 28.80
C GLY C 415 -41.95 -33.27 27.84
N ALA C 416 -43.06 -33.38 27.12
CA ALA C 416 -43.23 -34.41 26.10
C ALA C 416 -42.67 -33.99 24.75
N ALA C 417 -41.84 -32.94 24.71
CA ALA C 417 -41.20 -32.50 23.48
C ALA C 417 -39.70 -32.42 23.69
N GLN C 418 -38.98 -32.02 22.64
CA GLN C 418 -37.53 -31.90 22.70
C GLN C 418 -37.12 -30.58 22.08
N THR C 419 -35.88 -30.18 22.34
CA THR C 419 -35.34 -28.93 21.79
C THR C 419 -33.83 -29.03 21.74
N ALA C 420 -33.21 -27.98 21.21
CA ALA C 420 -31.76 -27.81 21.17
C ALA C 420 -31.38 -26.63 22.07
N ALA C 421 -31.02 -26.92 23.30
CA ALA C 421 -30.75 -25.85 24.25
C ALA C 421 -29.31 -25.38 24.13
N GLY C 422 -29.07 -24.17 24.59
CA GLY C 422 -27.73 -23.59 24.56
C GLY C 422 -27.79 -22.10 24.33
N ARG C 423 -26.65 -21.46 24.58
CA ARG C 423 -26.51 -20.03 24.35
C ARG C 423 -26.57 -19.70 22.87
N THR C 424 -27.19 -18.57 22.54
CA THR C 424 -27.38 -18.14 21.17
C THR C 424 -26.76 -16.76 20.97
N LEU C 425 -26.60 -16.38 19.70
CA LEU C 425 -25.80 -15.21 19.37
C LEU C 425 -26.43 -13.93 19.89
N THR C 426 -27.75 -13.84 19.84
CA THR C 426 -28.44 -12.60 20.23
C THR C 426 -28.22 -12.29 21.70
N GLU C 427 -28.50 -13.26 22.57
CA GLU C 427 -28.32 -13.01 24.00
C GLU C 427 -26.85 -12.88 24.38
N ALA C 428 -25.95 -13.56 23.66
CA ALA C 428 -24.52 -13.35 23.89
C ALA C 428 -24.12 -11.92 23.62
N TYR C 429 -24.56 -11.39 22.47
CA TYR C 429 -24.24 -10.00 22.13
C TYR C 429 -24.86 -9.03 23.13
N ARG C 430 -26.11 -9.27 23.52
CA ARG C 430 -26.77 -8.36 24.45
C ARG C 430 -26.11 -8.38 25.82
N GLU C 431 -25.72 -9.55 26.32
CA GLU C 431 -25.03 -9.61 27.61
C GLU C 431 -23.64 -8.98 27.51
N PHE C 432 -22.95 -9.16 26.38
CA PHE C 432 -21.66 -8.50 26.20
C PHE C 432 -21.79 -6.98 26.25
N LEU C 433 -22.80 -6.44 25.57
CA LEU C 433 -23.01 -4.99 25.64
C LEU C 433 -23.39 -4.55 27.04
N ASN C 434 -24.24 -5.35 27.72
CA ASN C 434 -24.61 -5.05 29.10
C ASN C 434 -23.40 -4.99 30.01
N LEU C 435 -22.47 -5.93 29.86
CA LEU C 435 -21.25 -5.93 30.65
C LEU C 435 -20.35 -4.75 30.26
N ALA C 436 -20.34 -4.40 28.98
CA ALA C 436 -19.50 -3.29 28.54
C ALA C 436 -19.97 -1.96 29.11
N ILE C 437 -21.29 -1.79 29.26
CA ILE C 437 -21.80 -0.53 29.81
C ILE C 437 -21.32 -0.32 31.23
N SER C 438 -21.46 -1.34 32.08
CA SER C 438 -21.17 -1.08 33.49
C SER C 438 -19.70 -0.94 33.82
N ASN C 439 -18.77 -0.94 32.86
CA ASN C 439 -17.37 -0.67 33.18
C ASN C 439 -17.21 0.80 33.54
N ALA C 440 -16.30 1.06 34.48
CA ALA C 440 -16.09 2.41 35.02
C ALA C 440 -15.33 3.34 34.08
N PHE C 441 -14.71 2.85 33.01
CA PHE C 441 -13.87 3.70 32.17
C PHE C 441 -14.57 4.12 30.88
N GLY C 442 -15.86 4.40 30.96
CA GLY C 442 -16.61 4.86 29.80
C GLY C 442 -16.26 6.27 29.39
N THR C 443 -17.13 6.90 28.60
CA THR C 443 -16.82 8.21 28.03
C THR C 443 -18.06 9.10 28.01
N GLN C 444 -19.21 8.61 28.51
CA GLN C 444 -20.48 9.32 28.59
C GLN C 444 -20.98 9.73 27.20
N MET C 445 -20.24 9.36 26.16
CA MET C 445 -20.67 9.51 24.77
C MET C 445 -20.48 8.19 24.06
N HIS C 446 -19.44 7.45 24.49
CA HIS C 446 -19.27 6.07 24.05
C HIS C 446 -20.42 5.21 24.55
N THR C 447 -20.85 5.46 25.78
CA THR C 447 -21.97 4.72 26.37
C THR C 447 -23.26 4.99 25.60
N ARG C 448 -23.46 6.23 25.14
CA ARG C 448 -24.64 6.56 24.34
C ARG C 448 -24.68 5.73 23.07
N ARG C 449 -23.56 5.65 22.35
CA ARG C 449 -23.55 4.85 21.12
C ARG C 449 -23.75 3.38 21.44
N LEU C 450 -23.17 2.90 22.54
CA LEU C 450 -23.34 1.50 22.92
C LEU C 450 -24.80 1.16 23.21
N VAL C 451 -25.45 1.97 24.04
CA VAL C 451 -26.85 1.68 24.37
C VAL C 451 -27.74 1.83 23.13
N ARG C 452 -27.42 2.78 22.24
CA ARG C 452 -28.20 2.88 21.01
C ARG C 452 -28.00 1.65 20.13
N SER C 453 -26.78 1.10 20.14
CA SER C 453 -26.48 -0.14 19.41
C SER C 453 -27.03 -1.38 20.10
N LYS C 454 -27.49 -1.29 21.34
CA LYS C 454 -28.03 -2.46 22.00
C LYS C 454 -29.39 -2.87 21.42
N THR C 455 -30.08 -1.97 20.73
CA THR C 455 -31.39 -2.28 20.17
C THR C 455 -31.34 -2.55 18.67
N VAL C 456 -30.15 -2.69 18.09
CA VAL C 456 -30.00 -2.89 16.66
C VAL C 456 -29.13 -4.12 16.42
N HIS C 457 -29.52 -4.97 15.48
CA HIS C 457 -28.73 -6.14 15.15
C HIS C 457 -27.36 -5.73 14.59
N PRO C 458 -26.31 -6.50 14.89
CA PRO C 458 -24.97 -6.13 14.45
C PRO C 458 -24.84 -6.19 12.94
N ILE C 459 -23.76 -5.62 12.44
CA ILE C 459 -23.51 -5.50 11.00
C ILE C 459 -22.54 -6.59 10.56
N TYR C 460 -22.94 -7.37 9.57
CA TYR C 460 -22.10 -8.43 9.05
C TYR C 460 -21.08 -7.87 8.08
N LEU C 461 -19.82 -8.24 8.27
CA LEU C 461 -18.73 -7.68 7.48
C LEU C 461 -17.88 -8.75 6.80
N GLY C 462 -18.36 -9.98 6.74
CA GLY C 462 -17.68 -11.03 5.99
C GLY C 462 -17.31 -12.22 6.86
N SER C 463 -16.71 -13.19 6.20
CA SER C 463 -16.29 -14.42 6.87
C SER C 463 -14.88 -14.76 6.39
N LEU C 464 -14.16 -15.47 7.25
CA LEU C 464 -12.80 -15.90 7.00
C LEU C 464 -12.64 -17.37 7.34
N HIS C 465 -11.91 -18.10 6.52
CA HIS C 465 -11.65 -19.50 6.74
C HIS C 465 -10.15 -19.71 6.72
N TYR C 466 -9.60 -20.20 7.84
CA TYR C 466 -8.17 -20.30 8.07
C TYR C 466 -7.89 -21.74 8.45
N ASP C 467 -6.65 -22.18 8.24
CA ASP C 467 -6.30 -23.58 8.40
C ASP C 467 -5.98 -24.03 9.83
N ILE C 468 -6.89 -23.73 10.76
CA ILE C 468 -6.67 -23.99 12.18
C ILE C 468 -7.83 -24.86 12.64
N SER C 469 -7.51 -25.95 13.35
CA SER C 469 -8.55 -26.80 13.92
C SER C 469 -9.37 -26.05 14.96
N PHE C 470 -10.69 -26.23 14.91
CA PHE C 470 -11.57 -25.46 15.78
C PHE C 470 -11.27 -25.73 17.26
N SER C 471 -10.75 -26.91 17.57
CA SER C 471 -10.29 -27.17 18.94
C SER C 471 -9.15 -26.24 19.30
N ASP C 472 -8.23 -26.06 18.35
CA ASP C 472 -7.12 -25.13 18.53
C ASP C 472 -7.64 -23.70 18.61
N LEU C 473 -8.66 -23.37 17.82
CA LEU C 473 -9.24 -22.03 17.88
C LEU C 473 -9.82 -21.76 19.27
N ARG C 474 -10.50 -22.76 19.84
CA ARG C 474 -11.02 -22.62 21.20
C ARG C 474 -9.88 -22.47 22.20
N GLY C 475 -8.80 -23.24 22.01
CA GLY C 475 -7.65 -23.12 22.90
C GLY C 475 -7.03 -21.74 22.86
N ASN C 476 -6.92 -21.17 21.65
CA ASN C 476 -6.37 -19.81 21.54
C ASN C 476 -7.31 -18.79 22.15
N ALA C 477 -8.62 -18.99 22.00
CA ALA C 477 -9.59 -18.10 22.63
C ALA C 477 -9.52 -18.18 24.14
N GLN C 478 -9.17 -19.35 24.67
CA GLN C 478 -8.98 -19.45 26.11
C GLN C 478 -7.72 -18.74 26.52
N ARG C 479 -6.64 -18.87 25.72
CA ARG C 479 -5.40 -18.23 26.15
C ARG C 479 -5.54 -16.72 26.10
N ILE C 480 -6.19 -16.21 25.05
CA ILE C 480 -6.31 -14.77 24.87
C ILE C 480 -7.19 -14.16 25.96
N VAL C 481 -8.22 -14.88 26.42
CA VAL C 481 -9.05 -14.29 27.46
C VAL C 481 -8.54 -14.52 28.88
N TYR C 482 -7.61 -15.45 29.07
CA TYR C 482 -7.05 -15.76 30.39
C TYR C 482 -5.73 -15.03 30.63
N ASP C 483 -4.75 -15.27 29.78
CA ASP C 483 -3.38 -14.83 30.05
C ASP C 483 -3.30 -13.30 29.92
N ASP C 484 -2.24 -12.73 30.50
CA ASP C 484 -2.05 -11.29 30.46
C ASP C 484 -0.76 -10.82 29.82
N GLU C 485 0.34 -11.59 29.88
CA GLU C 485 1.55 -11.16 29.18
C GLU C 485 1.34 -11.10 27.67
N LEU C 486 0.61 -12.05 27.12
CA LEU C 486 0.25 -12.00 25.70
C LEU C 486 -0.63 -10.77 25.41
N GLN C 487 -1.62 -10.52 26.27
CA GLN C 487 -2.56 -9.42 26.06
C GLN C 487 -1.86 -8.07 26.13
N MET C 488 -0.87 -7.94 27.02
CA MET C 488 -0.15 -6.69 27.23
C MET C 488 0.55 -6.23 25.95
N HIS C 489 0.81 -7.13 25.02
CA HIS C 489 1.33 -6.79 23.71
C HIS C 489 0.20 -6.64 22.69
N ILE C 490 -0.70 -7.62 22.63
CA ILE C 490 -1.71 -7.63 21.58
C ILE C 490 -2.72 -6.52 21.75
N LEU C 491 -3.08 -6.19 23.00
CA LEU C 491 -4.17 -5.26 23.26
C LEU C 491 -3.70 -3.84 23.46
N ARG C 492 -2.42 -3.55 23.23
CA ARG C 492 -1.86 -2.22 23.41
C ARG C 492 -1.22 -1.78 22.11
N GLY C 493 -1.60 -0.60 21.62
CA GLY C 493 -1.07 -0.09 20.38
C GLY C 493 -2.13 0.58 19.51
N PRO C 494 -1.74 0.99 18.30
CA PRO C 494 -2.71 1.58 17.38
C PRO C 494 -3.76 0.58 16.97
N ILE C 495 -4.95 1.10 16.66
CA ILE C 495 -6.12 0.23 16.46
C ILE C 495 -5.90 -0.74 15.32
N HIS C 496 -5.37 -0.26 14.19
CA HIS C 496 -5.14 -1.15 13.05
C HIS C 496 -4.14 -2.25 13.40
N PHE C 497 -3.10 -1.87 14.15
CA PHE C 497 -2.16 -2.85 14.69
C PHE C 497 -2.85 -3.76 15.68
N GLN C 498 -3.74 -3.21 16.51
CA GLN C 498 -4.34 -4.02 17.56
C GLN C 498 -5.21 -5.11 16.94
N ARG C 499 -6.01 -4.74 15.94
CA ARG C 499 -6.90 -5.70 15.30
C ARG C 499 -6.11 -6.75 14.52
N ARG C 500 -5.06 -6.33 13.81
CA ARG C 500 -4.23 -7.32 13.14
C ARG C 500 -3.57 -8.28 14.13
N ALA C 501 -3.10 -7.75 15.26
CA ALA C 501 -2.50 -8.61 16.28
C ALA C 501 -3.53 -9.59 16.85
N ILE C 502 -4.78 -9.14 17.03
CA ILE C 502 -5.82 -10.03 17.54
C ILE C 502 -6.10 -11.15 16.55
N LEU C 503 -6.22 -10.81 15.27
CA LEU C 503 -6.42 -11.85 14.27
C LEU C 503 -5.25 -12.83 14.24
N GLY C 504 -4.02 -12.31 14.31
CA GLY C 504 -2.86 -13.18 14.31
C GLY C 504 -2.83 -14.10 15.52
N ALA C 505 -3.17 -13.57 16.69
CA ALA C 505 -3.20 -14.38 17.89
C ALA C 505 -4.26 -15.45 17.81
N LEU C 506 -5.43 -15.11 17.26
CA LEU C 506 -6.46 -16.12 17.07
C LEU C 506 -6.00 -17.18 16.07
N LYS C 507 -5.15 -16.81 15.12
CA LYS C 507 -4.71 -17.76 14.12
C LYS C 507 -3.62 -18.69 14.66
N PHE C 508 -2.62 -18.12 15.33
CA PHE C 508 -1.44 -18.88 15.77
C PHE C 508 -1.37 -19.07 17.29
N GLY C 509 -2.46 -18.81 18.01
CA GLY C 509 -2.45 -19.02 19.45
C GLY C 509 -1.48 -18.14 20.19
N CYS C 510 -0.40 -18.77 20.67
CA CYS C 510 0.69 -18.13 21.40
C CYS C 510 2.01 -18.18 20.64
N LYS C 511 1.96 -18.40 19.33
CA LYS C 511 3.16 -18.48 18.50
C LYS C 511 3.58 -17.14 17.92
N VAL C 512 2.73 -16.12 17.97
CA VAL C 512 3.13 -14.81 17.46
C VAL C 512 4.30 -14.26 18.28
N LEU C 513 4.23 -14.37 19.60
CA LEU C 513 5.38 -14.07 20.45
C LEU C 513 6.02 -15.38 20.91
N GLY C 514 7.33 -15.49 20.69
CA GLY C 514 8.05 -16.71 20.99
C GLY C 514 7.65 -17.88 20.13
#